data_2XO8
#
_entry.id   2XO8
#
_cell.length_a   88.340
_cell.length_b   146.383
_cell.length_c   152.798
_cell.angle_alpha   90.00
_cell.angle_beta   90.00
_cell.angle_gamma   90.00
#
_symmetry.space_group_name_H-M   'C 2 2 21'
#
loop_
_entity.id
_entity.type
_entity.pdbx_description
1 polymer 'MYOSIN-2 HEAVY CHAIN'
2 non-polymer 2,4-DICHLORO-6-(3,4,5-TRIBROMO-1H-PYRROL-2-YL)PHENOL
3 non-polymer 'ADP METAVANADATE'
4 non-polymer 'MAGNESIUM ION'
5 water water
#
_entity_poly.entity_id   1
_entity_poly.type   'polypeptide(L)'
_entity_poly.pdbx_seq_one_letter_code
;DPIHDRTSDYHKYLKVKQGDSDLFKLTVSDKRYIWYNPDPKERDSYECGEIVSETSDSFTFKTVDGQDRQVKKDDANQRN
PIKFDGVEDMSELSYLNEPAVFHNLRVRYNQDLIYTYSGLFLVAVNPFKIIPIYTQEMVDIFKGRRRNEVAPHIFAISDV
AYRSMLDDRQNQSLLITGESGAGKTENTKKVIQYLASVAGRNQANGSGVLEQQILQANPILEAFGNAKTTRNNNSSRFGK
FIEIQFNSAGFISGASIQSYLLEKSRVVFQSETERNYHIFYQLLAGATAEEKKALHLAGPESFNYLNQSGCVDIKGVSDS
EEFKITRQAMDIVGFSQEEQMSIFKIIAGILHLGNIKFEKGAGEGAVLKDKTALNAASTVFGVNPSVLEKALMEPRILAG
RDLVAQHLNVEKSSSSRDALVKALYGRLFLWLVIKINNVLCQERKAYFIGVLDISGFEIFKVNSFEQLCINYTNEKLQQF
FNHHMFKLEQEEYLKEKINWTFIDFGLDSQATIDLIDGRQPPGILALLDEQSVFPNATDNTLITKLHSHFSKKNAKYEEP
RFSKTEFGVTHYAGQVMYEIQDWLEKNKDPLQQDLELCFKDSSDNVVTKLFNDPNIASRAKKGANFITVAAQYKEQLASL
MATLETTNPHFVRCIIPNNKQLPAKLEDKVVLDQLRCNGVLEGIRITRKGFPNRIIYADFVKRYYLLAPNVPRDAEDSQK
ATDAVLKHLNIDPEQYRFGITKIFFRAGQLARIEEAREQRLESNEPPMDFDDDIPF
;
_entity_poly.pdbx_strand_id   A
#
# COMPACT_ATOMS: atom_id res chain seq x y z
N ASP A 1 -24.00 26.28 0.58
CA ASP A 1 -23.00 25.30 0.97
C ASP A 1 -22.91 24.22 -0.10
N PRO A 2 -21.70 24.09 -0.70
CA PRO A 2 -21.44 23.22 -1.86
C PRO A 2 -21.93 21.79 -1.66
N ILE A 3 -21.85 21.28 -0.44
CA ILE A 3 -22.25 19.89 -0.21
C ILE A 3 -23.75 19.72 -0.29
N HIS A 4 -24.49 20.82 -0.11
CA HIS A 4 -25.95 20.78 -0.12
C HIS A 4 -26.51 21.35 -1.42
N ASP A 5 -25.61 21.86 -2.25
CA ASP A 5 -26.01 22.43 -3.52
C ASP A 5 -25.84 21.40 -4.63
N ARG A 6 -26.96 20.81 -5.05
CA ARG A 6 -26.96 19.75 -6.06
C ARG A 6 -26.22 20.15 -7.35
N THR A 7 -25.82 21.41 -7.40
CA THR A 7 -25.21 22.02 -8.58
C THR A 7 -23.69 21.84 -8.55
N SER A 8 -23.16 21.79 -7.33
CA SER A 8 -21.73 21.79 -7.11
C SER A 8 -21.01 20.65 -7.82
N ASP A 9 -19.71 20.86 -8.04
CA ASP A 9 -18.84 19.77 -8.47
C ASP A 9 -18.85 18.67 -7.41
N TYR A 10 -18.91 19.09 -6.14
CA TYR A 10 -19.02 18.13 -5.06
C TYR A 10 -20.17 17.19 -5.32
N HIS A 11 -21.36 17.75 -5.51
CA HIS A 11 -22.52 16.92 -5.77
C HIS A 11 -22.41 16.20 -7.09
N LYS A 12 -21.92 16.90 -8.10
CA LYS A 12 -21.80 16.34 -9.43
C LYS A 12 -20.83 15.14 -9.41
N TYR A 13 -19.70 15.29 -8.71
CA TYR A 13 -18.61 14.31 -8.81
C TYR A 13 -18.48 13.34 -7.62
N LEU A 14 -19.14 13.63 -6.50
CA LEU A 14 -19.03 12.80 -5.30
C LEU A 14 -20.33 12.20 -4.78
N LYS A 15 -21.46 12.58 -5.35
CA LYS A 15 -22.74 12.15 -4.80
C LYS A 15 -23.50 11.30 -5.78
N VAL A 16 -24.34 10.41 -5.26
CA VAL A 16 -25.13 9.58 -6.13
C VAL A 16 -26.10 10.51 -6.84
N LYS A 17 -26.19 10.33 -8.15
CA LYS A 17 -27.02 11.17 -9.00
C LYS A 17 -28.51 10.92 -8.72
N GLN A 18 -29.30 11.98 -8.79
CA GLN A 18 -30.72 11.95 -8.42
C GLN A 18 -31.51 11.00 -9.31
N GLY A 19 -32.18 10.03 -8.68
CA GLY A 19 -33.02 9.10 -9.42
C GLY A 19 -34.23 9.80 -10.00
N ASP A 20 -34.82 9.23 -11.05
CA ASP A 20 -35.97 9.86 -11.69
C ASP A 20 -37.32 9.26 -11.26
N SER A 21 -38.40 9.79 -11.82
CA SER A 21 -39.74 9.32 -11.47
C SER A 21 -39.90 7.83 -11.77
N ASP A 22 -39.24 7.34 -12.79
CA ASP A 22 -39.30 5.91 -13.10
C ASP A 22 -38.57 5.08 -12.05
N LEU A 23 -37.44 5.61 -11.56
CA LEU A 23 -36.67 4.94 -10.52
C LEU A 23 -37.46 4.97 -9.23
N PHE A 24 -38.20 6.05 -9.00
CA PHE A 24 -39.02 6.12 -7.79
C PHE A 24 -40.10 5.05 -7.79
N LYS A 25 -40.73 4.84 -8.95
CA LYS A 25 -41.75 3.81 -9.03
C LYS A 25 -41.21 2.47 -8.54
N LEU A 26 -39.99 2.14 -8.98
CA LEU A 26 -39.34 0.86 -8.67
C LEU A 26 -38.85 0.79 -7.23
N THR A 27 -38.43 1.94 -6.71
CA THR A 27 -37.92 2.05 -5.35
C THR A 27 -38.98 1.78 -4.29
N VAL A 28 -40.25 1.97 -4.65
CA VAL A 28 -41.35 1.81 -3.69
C VAL A 28 -42.07 0.51 -3.95
N SER A 29 -41.55 -0.26 -4.89
CA SER A 29 -42.14 -1.55 -5.21
C SER A 29 -42.16 -2.45 -3.96
N ASP A 30 -43.12 -3.36 -3.92
CA ASP A 30 -43.22 -4.32 -2.83
C ASP A 30 -42.58 -5.65 -3.24
N LYS A 31 -42.11 -5.73 -4.47
CA LYS A 31 -41.43 -6.94 -4.95
C LYS A 31 -40.09 -7.15 -4.27
N ARG A 32 -39.68 -8.40 -4.16
CA ARG A 32 -38.41 -8.71 -3.53
C ARG A 32 -37.54 -9.49 -4.49
N TYR A 33 -36.23 -9.34 -4.34
CA TYR A 33 -35.30 -9.90 -5.29
C TYR A 33 -34.18 -10.67 -4.63
N ILE A 34 -33.59 -11.56 -5.41
CA ILE A 34 -32.53 -12.43 -4.94
C ILE A 34 -31.37 -12.37 -5.94
N TRP A 35 -30.15 -12.46 -5.42
CA TRP A 35 -28.98 -12.59 -6.28
C TRP A 35 -28.67 -14.08 -6.41
N TYR A 36 -28.66 -14.60 -7.63
CA TYR A 36 -28.36 -16.02 -7.86
C TYR A 36 -27.31 -16.21 -8.98
N ASN A 37 -26.74 -17.40 -9.06
CA ASN A 37 -25.85 -17.75 -10.17
C ASN A 37 -26.57 -18.53 -11.26
N PRO A 38 -26.73 -17.93 -12.45
CA PRO A 38 -27.34 -18.69 -13.54
C PRO A 38 -26.51 -19.96 -13.78
N ASP A 39 -25.20 -19.81 -13.79
CA ASP A 39 -24.30 -20.96 -13.91
C ASP A 39 -23.61 -21.20 -12.57
N PRO A 40 -24.06 -22.23 -11.84
CA PRO A 40 -23.52 -22.66 -10.54
C PRO A 40 -22.02 -22.89 -10.58
N LYS A 41 -21.48 -23.14 -11.77
CA LYS A 41 -20.03 -23.23 -11.93
C LYS A 41 -19.39 -21.87 -11.69
N GLU A 42 -19.93 -20.85 -12.38
CA GLU A 42 -19.46 -19.47 -12.23
C GLU A 42 -20.13 -18.79 -11.04
N ARG A 43 -19.62 -19.05 -9.86
CA ARG A 43 -20.20 -18.51 -8.62
C ARG A 43 -20.06 -16.99 -8.43
N ASP A 44 -19.24 -16.32 -9.25
CA ASP A 44 -19.10 -14.86 -9.13
C ASP A 44 -19.88 -14.11 -10.20
N SER A 45 -20.58 -14.82 -11.06
CA SER A 45 -21.43 -14.16 -12.05
C SER A 45 -22.86 -14.29 -11.58
N TYR A 46 -23.46 -13.15 -11.26
CA TYR A 46 -24.74 -13.12 -10.61
C TYR A 46 -25.77 -12.46 -11.47
N GLU A 47 -26.99 -12.94 -11.33
CA GLU A 47 -28.12 -12.26 -11.92
C GLU A 47 -29.10 -11.91 -10.81
N CYS A 48 -30.03 -11.01 -11.12
CA CYS A 48 -31.08 -10.66 -10.18
C CYS A 48 -32.37 -11.32 -10.61
N GLY A 49 -32.96 -12.09 -9.70
CA GLY A 49 -34.24 -12.71 -9.95
C GLY A 49 -35.29 -12.29 -8.94
N GLU A 50 -36.55 -12.37 -9.34
CA GLU A 50 -37.64 -11.98 -8.44
C GLU A 50 -38.11 -13.12 -7.58
N ILE A 51 -38.23 -12.87 -6.29
CA ILE A 51 -38.83 -13.84 -5.40
C ILE A 51 -40.33 -13.88 -5.67
N VAL A 52 -40.82 -15.06 -6.02
CA VAL A 52 -42.24 -15.18 -6.35
C VAL A 52 -43.04 -15.89 -5.27
N SER A 53 -42.37 -16.69 -4.44
CA SER A 53 -43.06 -17.38 -3.37
C SER A 53 -42.06 -17.83 -2.33
N GLU A 54 -42.56 -18.24 -1.17
CA GLU A 54 -41.67 -18.69 -0.13
C GLU A 54 -42.32 -19.73 0.77
N THR A 55 -41.52 -20.69 1.24
CA THR A 55 -42.00 -21.64 2.23
C THR A 55 -41.37 -21.27 3.54
N SER A 56 -41.53 -22.15 4.52
CA SER A 56 -40.94 -21.87 5.82
C SER A 56 -39.41 -21.72 5.73
N ASP A 57 -38.79 -22.47 4.83
CA ASP A 57 -37.33 -22.49 4.73
C ASP A 57 -36.77 -22.23 3.33
N SER A 58 -37.61 -21.72 2.42
CA SER A 58 -37.19 -21.57 1.04
C SER A 58 -37.80 -20.38 0.34
N PHE A 59 -37.06 -19.86 -0.64
CA PHE A 59 -37.57 -18.89 -1.57
C PHE A 59 -37.64 -19.58 -2.91
N THR A 60 -38.64 -19.23 -3.69
CA THR A 60 -38.65 -19.63 -5.09
C THR A 60 -38.59 -18.33 -5.85
N PHE A 61 -37.83 -18.29 -6.94
CA PHE A 61 -37.63 -17.07 -7.71
C PHE A 61 -37.51 -17.33 -9.21
N LYS A 62 -37.76 -16.29 -9.99
CA LYS A 62 -37.66 -16.39 -11.44
C LYS A 62 -36.26 -16.04 -11.92
N THR A 63 -35.69 -16.87 -12.78
CA THR A 63 -34.39 -16.56 -13.37
C THR A 63 -34.56 -15.45 -14.40
N VAL A 64 -33.43 -14.95 -14.92
CA VAL A 64 -33.47 -13.87 -15.90
C VAL A 64 -34.41 -14.26 -17.05
N ASP A 65 -34.46 -15.55 -17.34
CA ASP A 65 -35.44 -16.06 -18.30
C ASP A 65 -36.54 -16.40 -17.32
N GLY A 66 -37.59 -17.01 -17.84
CA GLY A 66 -38.72 -17.39 -17.03
C GLY A 66 -38.77 -18.67 -16.24
N GLN A 67 -37.60 -19.29 -16.07
CA GLN A 67 -37.50 -20.52 -15.31
C GLN A 67 -37.60 -20.21 -13.82
N ASP A 68 -38.12 -21.17 -13.06
CA ASP A 68 -38.24 -20.96 -11.63
C ASP A 68 -37.19 -21.76 -10.90
N ARG A 69 -36.65 -21.16 -9.87
CA ARG A 69 -35.58 -21.80 -9.13
C ARG A 69 -35.83 -21.64 -7.64
N GLN A 70 -35.44 -22.65 -6.87
CA GLN A 70 -35.70 -22.66 -5.44
C GLN A 70 -34.40 -22.67 -4.67
N VAL A 71 -34.41 -22.07 -3.48
CA VAL A 71 -33.22 -22.05 -2.65
C VAL A 71 -33.56 -21.95 -1.17
N LYS A 72 -32.73 -22.55 -0.34
CA LYS A 72 -32.88 -22.45 1.11
C LYS A 72 -32.73 -21.00 1.53
N LYS A 73 -33.59 -20.55 2.42
CA LYS A 73 -33.46 -19.18 2.92
C LYS A 73 -32.08 -18.99 3.54
N ASP A 74 -31.54 -20.08 4.10
CA ASP A 74 -30.24 -20.05 4.73
C ASP A 74 -29.11 -19.78 3.73
N ASP A 75 -29.27 -20.27 2.51
CA ASP A 75 -28.27 -20.11 1.44
C ASP A 75 -28.59 -19.00 0.45
N ALA A 76 -29.56 -18.16 0.75
CA ALA A 76 -30.01 -17.14 -0.19
C ALA A 76 -29.26 -15.82 -0.05
N ASN A 77 -28.82 -15.27 -1.18
CA ASN A 77 -28.27 -13.91 -1.19
C ASN A 77 -29.33 -12.90 -1.63
N GLN A 78 -30.13 -12.44 -0.68
CA GLN A 78 -31.19 -11.51 -0.98
C GLN A 78 -30.64 -10.21 -1.52
N ARG A 79 -31.33 -9.65 -2.50
CA ARG A 79 -31.00 -8.31 -2.98
C ARG A 79 -31.55 -7.27 -2.04
N ASN A 80 -30.71 -6.36 -1.60
CA ASN A 80 -31.18 -5.22 -0.80
C ASN A 80 -32.20 -4.40 -1.56
N PRO A 81 -33.23 -3.90 -0.86
CA PRO A 81 -34.11 -2.86 -1.40
C PRO A 81 -33.30 -1.84 -2.19
N ILE A 82 -33.75 -1.49 -3.39
CA ILE A 82 -32.94 -0.63 -4.24
C ILE A 82 -32.70 0.77 -3.69
N LYS A 83 -33.46 1.18 -2.69
CA LYS A 83 -33.13 2.47 -2.06
C LYS A 83 -31.68 2.49 -1.56
N PHE A 84 -31.11 1.29 -1.37
CA PHE A 84 -29.75 1.13 -0.86
C PHE A 84 -28.67 1.21 -1.93
N ASP A 85 -29.07 1.12 -3.19
CA ASP A 85 -28.11 1.15 -4.28
C ASP A 85 -27.40 2.47 -4.36
N GLY A 86 -26.10 2.47 -4.08
CA GLY A 86 -25.29 3.66 -4.14
C GLY A 86 -24.95 4.08 -2.75
N VAL A 87 -25.51 3.40 -1.75
CA VAL A 87 -25.36 3.85 -0.38
C VAL A 87 -23.86 4.05 -0.13
N GLU A 88 -23.54 5.03 0.71
CA GLU A 88 -22.16 5.45 0.90
C GLU A 88 -21.39 4.62 1.93
N ASP A 89 -22.11 4.02 2.86
CA ASP A 89 -21.52 3.14 3.84
C ASP A 89 -22.29 1.83 3.79
N MET A 90 -21.59 0.75 3.47
CA MET A 90 -22.26 -0.52 3.25
C MET A 90 -22.62 -1.26 4.52
N SER A 91 -22.17 -0.73 5.66
CA SER A 91 -22.60 -1.29 6.93
C SER A 91 -24.07 -1.01 7.11
N GLU A 92 -24.64 -0.19 6.24
CA GLU A 92 -26.05 0.15 6.32
C GLU A 92 -26.96 -0.82 5.57
N LEU A 93 -26.38 -1.62 4.68
CA LEU A 93 -27.15 -2.56 3.89
C LEU A 93 -27.96 -3.48 4.79
N SER A 94 -29.19 -3.81 4.41
CA SER A 94 -29.96 -4.78 5.18
C SER A 94 -29.36 -6.18 5.03
N TYR A 95 -29.06 -6.54 3.79
CA TYR A 95 -28.45 -7.82 3.48
C TYR A 95 -27.00 -7.62 3.12
N LEU A 96 -26.13 -8.24 3.91
CA LEU A 96 -24.71 -8.16 3.70
C LEU A 96 -24.21 -9.47 3.12
N ASN A 97 -24.06 -9.53 1.80
CA ASN A 97 -23.59 -10.73 1.15
C ASN A 97 -22.77 -10.34 -0.07
N GLU A 98 -22.06 -11.28 -0.66
CA GLU A 98 -21.10 -10.92 -1.70
C GLU A 98 -21.71 -10.22 -2.89
N PRO A 99 -22.75 -10.81 -3.51
CA PRO A 99 -23.33 -10.08 -4.64
C PRO A 99 -23.94 -8.72 -4.23
N ALA A 100 -24.52 -8.64 -3.03
CA ALA A 100 -25.05 -7.37 -2.56
C ALA A 100 -23.94 -6.32 -2.46
N VAL A 101 -22.83 -6.69 -1.83
CA VAL A 101 -21.77 -5.74 -1.60
C VAL A 101 -21.12 -5.36 -2.92
N PHE A 102 -20.88 -6.35 -3.77
CA PHE A 102 -20.35 -6.05 -5.08
C PHE A 102 -21.29 -5.14 -5.86
N HIS A 103 -22.59 -5.42 -5.77
CA HIS A 103 -23.57 -4.63 -6.54
C HIS A 103 -23.54 -3.16 -6.16
N ASN A 104 -23.50 -2.90 -4.86
CA ASN A 104 -23.39 -1.54 -4.38
C ASN A 104 -22.14 -0.83 -4.90
N LEU A 105 -21.00 -1.51 -4.82
CA LEU A 105 -19.76 -0.99 -5.40
C LEU A 105 -19.92 -0.74 -6.90
N ARG A 106 -20.57 -1.69 -7.60
CA ARG A 106 -20.83 -1.54 -9.03
C ARG A 106 -21.65 -0.29 -9.35
N VAL A 107 -22.77 -0.10 -8.65
CA VAL A 107 -23.62 1.10 -8.84
C VAL A 107 -22.85 2.41 -8.65
N ARG A 108 -22.11 2.52 -7.54
CA ARG A 108 -21.28 3.70 -7.31
C ARG A 108 -20.22 3.84 -8.41
N TYR A 109 -19.66 2.71 -8.82
CA TYR A 109 -18.59 2.72 -9.81
C TYR A 109 -19.06 3.17 -11.20
N ASN A 110 -20.24 2.71 -11.59
CA ASN A 110 -20.81 3.04 -12.89
C ASN A 110 -20.97 4.52 -13.09
N GLN A 111 -21.07 5.27 -12.00
CA GLN A 111 -21.09 6.72 -12.10
C GLN A 111 -19.89 7.37 -11.42
N ASP A 112 -18.77 6.65 -11.49
CA ASP A 112 -17.48 7.20 -11.10
C ASP A 112 -17.41 7.60 -9.63
N LEU A 113 -18.24 6.94 -8.83
CA LEU A 113 -18.09 7.01 -7.37
C LEU A 113 -17.14 5.88 -6.93
N ILE A 114 -15.87 6.20 -6.80
CA ILE A 114 -14.88 5.17 -6.58
C ILE A 114 -14.68 4.90 -5.11
N TYR A 115 -15.15 5.80 -4.24
CA TYR A 115 -15.03 5.58 -2.82
C TYR A 115 -16.36 5.15 -2.21
N THR A 116 -16.28 4.19 -1.29
CA THR A 116 -17.42 3.70 -0.56
C THR A 116 -16.87 3.24 0.79
N TYR A 117 -17.57 3.57 1.87
CA TYR A 117 -17.16 3.10 3.18
C TYR A 117 -17.66 1.70 3.36
N SER A 118 -16.95 0.93 4.18
CA SER A 118 -17.42 -0.37 4.60
C SER A 118 -17.24 -0.49 6.08
N GLY A 119 -18.22 -0.03 6.84
CA GLY A 119 -18.03 0.07 8.27
C GLY A 119 -16.91 1.07 8.48
N LEU A 120 -15.92 0.69 9.30
CA LEU A 120 -14.84 1.60 9.74
C LEU A 120 -13.84 2.04 8.66
N PHE A 121 -13.70 1.25 7.60
CA PHE A 121 -12.66 1.49 6.62
C PHE A 121 -13.22 1.91 5.25
N LEU A 122 -12.34 2.41 4.38
CA LEU A 122 -12.70 2.91 3.06
C LEU A 122 -12.30 1.93 1.95
N VAL A 123 -13.20 1.70 1.00
CA VAL A 123 -12.89 0.94 -0.21
C VAL A 123 -12.72 1.90 -1.35
N ALA A 124 -11.71 1.66 -2.18
CA ALA A 124 -11.38 2.52 -3.30
C ALA A 124 -11.26 1.71 -4.56
N VAL A 125 -12.23 1.77 -5.46
CA VAL A 125 -12.12 0.97 -6.66
C VAL A 125 -11.46 1.78 -7.77
N ASN A 126 -10.29 1.34 -8.24
CA ASN A 126 -9.52 2.08 -9.23
C ASN A 126 -10.35 2.43 -10.48
N PRO A 127 -10.45 3.73 -10.82
CA PRO A 127 -11.20 4.13 -12.02
C PRO A 127 -10.45 3.90 -13.32
N PHE A 128 -9.11 3.94 -13.29
CA PHE A 128 -8.31 3.93 -14.51
C PHE A 128 -8.71 5.06 -15.47
N LYS A 129 -9.11 6.18 -14.90
CA LYS A 129 -9.29 7.40 -15.65
C LYS A 129 -9.28 8.56 -14.68
N ILE A 130 -9.08 9.76 -15.18
CA ILE A 130 -9.07 10.90 -14.27
C ILE A 130 -10.50 11.29 -13.89
N ILE A 131 -10.69 11.65 -12.62
CA ILE A 131 -11.96 12.13 -12.12
C ILE A 131 -11.68 13.36 -11.29
N PRO A 132 -12.41 14.46 -11.54
CA PRO A 132 -12.05 15.78 -11.00
C PRO A 132 -12.42 15.98 -9.54
N ILE A 133 -11.86 15.16 -8.66
CA ILE A 133 -12.26 15.17 -7.25
C ILE A 133 -11.12 15.46 -6.28
N TYR A 134 -10.01 15.97 -6.79
CA TYR A 134 -8.81 16.17 -5.98
C TYR A 134 -8.26 17.58 -6.09
N THR A 135 -9.09 18.50 -6.56
CA THR A 135 -8.77 19.92 -6.63
C THR A 135 -8.65 20.51 -5.24
N GLN A 136 -7.94 21.62 -5.14
CA GLN A 136 -7.91 22.36 -3.88
C GLN A 136 -9.33 22.73 -3.40
N GLU A 137 -10.26 22.88 -4.35
CA GLU A 137 -11.66 23.10 -4.00
C GLU A 137 -12.20 21.91 -3.21
N MET A 138 -11.91 20.71 -3.71
CA MET A 138 -12.33 19.48 -3.04
C MET A 138 -11.71 19.34 -1.66
N VAL A 139 -10.41 19.66 -1.55
CA VAL A 139 -9.74 19.65 -0.25
C VAL A 139 -10.55 20.49 0.72
N ASP A 140 -10.78 21.74 0.30
CA ASP A 140 -11.53 22.71 1.08
C ASP A 140 -12.85 22.18 1.63
N ILE A 141 -13.65 21.57 0.76
CA ILE A 141 -14.91 20.97 1.18
C ILE A 141 -14.72 20.04 2.35
N PHE A 142 -13.68 19.22 2.27
CA PHE A 142 -13.51 18.17 3.24
C PHE A 142 -12.86 18.65 4.51
N LYS A 143 -12.19 19.79 4.43
CA LYS A 143 -11.52 20.33 5.61
C LYS A 143 -12.44 20.37 6.85
N GLY A 144 -12.15 19.49 7.80
CA GLY A 144 -12.85 19.50 9.07
C GLY A 144 -14.16 18.74 9.15
N ARG A 145 -14.75 18.40 8.00
CA ARG A 145 -16.07 17.75 8.05
C ARG A 145 -15.99 16.37 8.71
N ARG A 146 -17.05 15.98 9.40
CA ARG A 146 -17.13 14.66 10.01
C ARG A 146 -17.44 13.65 8.93
N ARG A 147 -16.92 12.44 9.10
CA ARG A 147 -17.06 11.39 8.09
C ARG A 147 -18.52 11.26 7.57
N ASN A 148 -19.49 11.33 8.48
CA ASN A 148 -20.90 11.17 8.12
C ASN A 148 -21.47 12.40 7.43
N GLU A 149 -20.78 13.52 7.56
CA GLU A 149 -21.24 14.76 6.98
C GLU A 149 -20.95 14.84 5.49
N VAL A 150 -19.76 14.39 5.09
CA VAL A 150 -19.37 14.44 3.69
C VAL A 150 -19.40 13.06 3.02
N ALA A 151 -19.31 13.05 1.70
CA ALA A 151 -19.31 11.79 0.94
C ALA A 151 -18.03 11.00 1.20
N PRO A 152 -18.03 9.70 0.84
CA PRO A 152 -16.80 8.92 1.07
C PRO A 152 -15.66 9.44 0.18
N HIS A 153 -14.46 9.60 0.73
CA HIS A 153 -13.33 10.14 -0.02
C HIS A 153 -12.02 9.87 0.72
N ILE A 154 -10.92 9.78 -0.03
CA ILE A 154 -9.60 9.60 0.57
C ILE A 154 -9.30 10.81 1.47
N PHE A 155 -9.74 12.00 1.05
CA PHE A 155 -9.61 13.20 1.90
C PHE A 155 -10.32 13.06 3.25
N ALA A 156 -11.52 12.48 3.24
CA ALA A 156 -12.27 12.30 4.47
C ALA A 156 -11.59 11.33 5.47
N ILE A 157 -11.08 10.22 4.94
CA ILE A 157 -10.38 9.28 5.78
C ILE A 157 -9.12 9.98 6.31
N SER A 158 -8.53 10.84 5.51
CA SER A 158 -7.33 11.58 5.91
C SER A 158 -7.62 12.64 6.99
N ASP A 159 -8.72 13.35 6.81
CA ASP A 159 -9.15 14.34 7.80
C ASP A 159 -9.45 13.69 9.13
N VAL A 160 -10.07 12.52 9.09
CA VAL A 160 -10.44 11.82 10.32
C VAL A 160 -9.18 11.41 11.07
N ALA A 161 -8.18 10.92 10.35
CA ALA A 161 -6.94 10.54 10.98
C ALA A 161 -6.35 11.79 11.62
N TYR A 162 -6.43 12.91 10.90
CA TYR A 162 -5.90 14.17 11.38
C TYR A 162 -6.63 14.63 12.65
N ARG A 163 -7.96 14.64 12.61
CA ARG A 163 -8.71 15.06 13.77
C ARG A 163 -8.36 14.18 14.94
N SER A 164 -8.24 12.88 14.70
CA SER A 164 -7.97 11.91 15.76
C SER A 164 -6.57 12.04 16.36
N MET A 165 -5.61 12.43 15.53
CA MET A 165 -4.28 12.78 16.00
C MET A 165 -4.39 13.91 17.02
N LEU A 166 -5.12 14.97 16.65
CA LEU A 166 -5.25 16.13 17.50
C LEU A 166 -6.10 15.85 18.75
N ASP A 167 -7.22 15.18 18.58
CA ASP A 167 -8.12 14.98 19.71
C ASP A 167 -7.60 13.97 20.73
N ASP A 168 -6.74 13.05 20.28
CA ASP A 168 -6.26 11.99 21.17
C ASP A 168 -4.77 12.14 21.44
N ARG A 169 -4.13 13.05 20.73
CA ARG A 169 -2.70 13.26 20.88
C ARG A 169 -1.97 11.93 20.68
N GLN A 170 -2.40 11.20 19.65
CA GLN A 170 -1.90 9.86 19.37
C GLN A 170 -1.53 9.73 17.90
N ASN A 171 -0.47 8.98 17.61
CA ASN A 171 0.00 8.89 16.25
C ASN A 171 -0.89 7.97 15.44
N GLN A 172 -1.09 8.32 14.18
CA GLN A 172 -2.06 7.62 13.34
C GLN A 172 -1.35 7.01 12.14
N SER A 173 -2.05 6.12 11.44
CA SER A 173 -1.53 5.58 10.19
C SER A 173 -2.64 5.34 9.19
N LEU A 174 -2.33 5.67 7.93
CA LEU A 174 -3.17 5.35 6.79
C LEU A 174 -2.56 4.16 6.04
N LEU A 175 -3.14 2.99 6.26
CA LEU A 175 -2.66 1.78 5.63
C LEU A 175 -3.52 1.53 4.41
N ILE A 176 -2.86 1.57 3.26
CA ILE A 176 -3.58 1.46 2.00
C ILE A 176 -3.22 0.14 1.33
N THR A 177 -4.14 -0.80 1.39
CA THR A 177 -3.90 -2.14 0.86
C THR A 177 -4.34 -2.22 -0.61
N GLY A 178 -3.77 -3.17 -1.33
CA GLY A 178 -4.21 -3.43 -2.68
C GLY A 178 -3.20 -4.28 -3.42
N GLU A 179 -3.66 -5.09 -4.38
CA GLU A 179 -2.73 -5.79 -5.24
C GLU A 179 -2.18 -4.76 -6.22
N SER A 180 -1.18 -5.19 -7.00
CA SER A 180 -0.50 -4.30 -7.94
C SER A 180 -1.49 -3.59 -8.86
N GLY A 181 -1.40 -2.28 -8.95
CA GLY A 181 -2.21 -1.48 -9.85
C GLY A 181 -3.58 -1.10 -9.29
N ALA A 182 -3.87 -1.52 -8.07
CA ALA A 182 -5.19 -1.32 -7.49
C ALA A 182 -5.45 0.15 -7.13
N GLY A 183 -4.39 0.91 -6.89
CA GLY A 183 -4.50 2.34 -6.67
C GLY A 183 -3.82 2.89 -5.44
N LYS A 184 -3.09 2.02 -4.75
CA LYS A 184 -2.35 2.39 -3.52
C LYS A 184 -1.60 3.70 -3.62
N THR A 185 -0.78 3.84 -4.66
CA THR A 185 0.10 5.00 -4.80
C THR A 185 -0.61 6.32 -5.14
N GLU A 186 -1.68 6.29 -5.93
CA GLU A 186 -2.45 7.49 -6.24
C GLU A 186 -3.12 8.00 -4.98
N ASN A 187 -3.69 7.06 -4.22
CA ASN A 187 -4.32 7.42 -2.95
C ASN A 187 -3.34 7.89 -1.89
N THR A 188 -2.15 7.32 -1.91
CA THR A 188 -1.09 7.80 -1.03
C THR A 188 -0.84 9.27 -1.34
N LYS A 189 -0.67 9.57 -2.62
CA LYS A 189 -0.41 10.95 -3.02
C LYS A 189 -1.52 11.90 -2.52
N LYS A 190 -2.77 11.43 -2.54
CA LYS A 190 -3.89 12.31 -2.19
C LYS A 190 -3.85 12.55 -0.70
N VAL A 191 -3.51 11.51 0.05
CA VAL A 191 -3.40 11.62 1.49
C VAL A 191 -2.37 12.68 1.87
N ILE A 192 -1.24 12.69 1.17
CA ILE A 192 -0.18 13.65 1.47
C ILE A 192 -0.62 15.06 1.03
N GLN A 193 -1.04 15.20 -0.22
CA GLN A 193 -1.60 16.46 -0.69
C GLN A 193 -2.56 17.05 0.32
N TYR A 194 -3.52 16.24 0.78
CA TYR A 194 -4.57 16.73 1.65
C TYR A 194 -3.99 17.19 2.98
N LEU A 195 -3.19 16.32 3.61
CA LEU A 195 -2.52 16.64 4.86
C LEU A 195 -1.64 17.87 4.67
N ALA A 196 -0.98 17.93 3.53
CA ALA A 196 -0.07 19.03 3.26
C ALA A 196 -0.86 20.32 3.23
N SER A 197 -2.10 20.25 2.79
CA SER A 197 -2.90 21.44 2.54
C SER A 197 -3.66 21.86 3.80
N VAL A 198 -4.22 20.88 4.47
CA VAL A 198 -5.05 21.13 5.63
C VAL A 198 -4.24 21.50 6.86
N ALA A 199 -3.00 21.04 6.94
CA ALA A 199 -2.15 21.32 8.12
C ALA A 199 -0.90 22.10 7.73
N GLY A 200 -0.91 22.69 6.53
CA GLY A 200 0.24 23.42 6.02
C GLY A 200 0.26 24.84 6.54
N ARG A 201 1.39 25.50 6.38
CA ARG A 201 1.55 26.85 6.87
C ARG A 201 1.51 27.89 5.77
N ASN A 202 0.69 28.90 6.00
CA ASN A 202 0.75 30.12 5.22
C ASN A 202 1.68 31.13 5.94
N GLN A 203 1.24 31.62 7.09
CA GLN A 203 2.05 32.54 7.93
C GLN A 203 2.63 33.72 7.14
N ALA A 204 1.75 34.56 6.60
CA ALA A 204 2.15 35.70 5.76
C ALA A 204 2.66 35.24 4.39
N ASN A 205 2.75 33.93 4.20
CA ASN A 205 3.15 33.30 2.94
C ASN A 205 4.52 33.08 2.33
N GLY A 206 5.55 33.16 3.16
CA GLY A 206 6.93 32.95 2.73
C GLY A 206 7.78 31.91 3.45
N SER A 207 7.21 30.73 3.68
CA SER A 207 7.91 29.64 4.37
C SER A 207 7.26 28.27 4.13
N GLY A 208 6.10 28.27 3.46
CA GLY A 208 5.41 27.03 3.14
C GLY A 208 6.18 26.03 2.30
N VAL A 209 7.39 26.41 1.90
CA VAL A 209 8.23 25.56 1.07
C VAL A 209 8.45 24.13 1.53
N LEU A 210 8.46 23.94 2.85
CA LEU A 210 8.57 22.62 3.43
C LEU A 210 7.52 21.73 2.81
N GLU A 211 6.29 22.21 2.79
CA GLU A 211 5.16 21.46 2.27
C GLU A 211 5.26 21.21 0.76
N GLN A 212 5.89 22.14 0.04
CA GLN A 212 6.11 21.93 -1.38
C GLN A 212 7.22 20.89 -1.57
N GLN A 213 8.16 20.86 -0.62
CA GLN A 213 9.25 19.93 -0.69
C GLN A 213 8.79 18.52 -0.34
N ILE A 214 7.81 18.43 0.55
CA ILE A 214 7.21 17.15 0.85
C ILE A 214 6.55 16.64 -0.40
N LEU A 215 5.63 17.44 -0.94
CA LEU A 215 4.95 17.08 -2.18
C LEU A 215 5.95 16.64 -3.25
N GLN A 216 7.06 17.37 -3.37
CA GLN A 216 7.98 17.16 -4.48
C GLN A 216 8.92 15.95 -4.28
N ALA A 217 8.94 15.41 -3.07
CA ALA A 217 9.84 14.31 -2.76
C ALA A 217 9.41 13.05 -3.49
N ASN A 218 8.12 12.93 -3.76
CA ASN A 218 7.56 11.71 -4.35
C ASN A 218 7.76 11.53 -5.89
N PRO A 219 7.65 12.61 -6.67
CA PRO A 219 8.01 12.52 -8.08
C PRO A 219 9.46 12.10 -8.32
N ILE A 220 10.34 12.37 -7.38
CA ILE A 220 11.71 11.95 -7.55
C ILE A 220 11.79 10.44 -7.38
N LEU A 221 11.32 9.96 -6.24
CA LEU A 221 11.38 8.55 -5.95
C LEU A 221 10.65 7.79 -7.03
N GLU A 222 9.53 8.32 -7.45
CA GLU A 222 8.74 7.66 -8.46
C GLU A 222 9.53 7.43 -9.76
N ALA A 223 10.40 8.39 -10.11
CA ALA A 223 11.16 8.25 -11.33
C ALA A 223 12.28 7.22 -11.21
N PHE A 224 12.76 6.99 -10.00
CA PHE A 224 13.83 6.01 -9.80
C PHE A 224 13.32 4.68 -9.26
N GLY A 225 12.10 4.70 -8.73
CA GLY A 225 11.60 3.57 -7.99
C GLY A 225 10.43 2.92 -8.65
N ASN A 226 9.92 3.54 -9.71
CA ASN A 226 8.76 3.00 -10.41
C ASN A 226 9.11 2.56 -11.83
N ALA A 227 8.38 1.56 -12.30
CA ALA A 227 8.55 1.07 -13.65
C ALA A 227 7.27 0.41 -14.12
N LYS A 228 7.14 0.27 -15.43
CA LYS A 228 6.04 -0.48 -16.00
C LYS A 228 6.20 -1.96 -15.77
N THR A 229 5.23 -2.61 -15.13
CA THR A 229 5.18 -4.06 -15.13
C THR A 229 3.98 -4.43 -15.99
N THR A 230 3.76 -5.72 -16.19
CA THR A 230 2.63 -6.18 -16.96
C THR A 230 1.34 -5.85 -16.22
N ARG A 231 1.46 -5.50 -14.95
CA ARG A 231 0.28 -5.29 -14.16
C ARG A 231 -0.04 -3.82 -13.91
N ASN A 232 0.93 -2.97 -14.20
CA ASN A 232 0.83 -1.58 -13.82
C ASN A 232 1.91 -0.93 -14.67
N ASN A 233 1.56 0.26 -15.17
CA ASN A 233 2.39 1.06 -16.04
C ASN A 233 3.26 1.92 -15.13
N ASN A 234 2.79 2.17 -13.92
CA ASN A 234 3.55 2.95 -12.94
C ASN A 234 3.76 2.17 -11.63
N SER A 235 4.05 0.89 -11.74
CA SER A 235 4.25 0.04 -10.55
C SER A 235 5.35 0.56 -9.63
N SER A 236 5.03 0.68 -8.34
CA SER A 236 6.02 0.95 -7.31
C SER A 236 6.92 -0.28 -7.11
N ARG A 237 8.21 -0.11 -7.31
CA ARG A 237 9.11 -1.26 -7.23
C ARG A 237 9.89 -1.22 -5.92
N PHE A 238 9.37 -0.42 -5.00
CA PHE A 238 9.90 -0.30 -3.66
C PHE A 238 8.68 0.06 -2.81
N GLY A 239 8.71 -0.27 -1.53
CA GLY A 239 7.65 0.11 -0.63
C GLY A 239 8.10 1.33 0.15
N LYS A 240 7.14 2.08 0.67
CA LYS A 240 7.52 3.23 1.47
C LYS A 240 6.54 3.52 2.60
N PHE A 241 7.12 3.82 3.76
CA PHE A 241 6.39 4.37 4.88
C PHE A 241 6.69 5.83 4.97
N ILE A 242 5.68 6.66 4.76
CA ILE A 242 5.86 8.10 4.86
C ILE A 242 5.33 8.60 6.21
N GLU A 243 6.21 9.24 6.96
CA GLU A 243 5.79 9.92 8.17
C GLU A 243 5.51 11.35 7.81
N ILE A 244 4.27 11.78 7.98
CA ILE A 244 4.00 13.22 7.94
C ILE A 244 3.99 13.70 9.39
N GLN A 245 4.78 14.73 9.65
CA GLN A 245 5.08 15.12 11.01
C GLN A 245 4.44 16.44 11.38
N PHE A 246 3.88 16.47 12.58
CA PHE A 246 3.15 17.62 13.06
C PHE A 246 3.76 18.11 14.35
N ASN A 247 3.66 19.41 14.59
CA ASN A 247 4.09 19.99 15.86
C ASN A 247 3.00 19.86 16.90
N SER A 248 3.30 20.32 18.12
CA SER A 248 2.35 20.25 19.21
C SER A 248 1.08 20.94 18.77
N ALA A 249 1.22 22.11 18.18
CA ALA A 249 0.07 22.90 17.74
C ALA A 249 -0.83 22.14 16.78
N GLY A 250 -0.23 21.35 15.89
CA GLY A 250 -0.97 20.56 14.92
C GLY A 250 -0.58 20.85 13.49
N PHE A 251 0.47 21.65 13.31
CA PHE A 251 0.94 22.00 11.98
C PHE A 251 2.03 21.07 11.46
N ILE A 252 2.21 21.05 10.15
CA ILE A 252 3.25 20.21 9.59
C ILE A 252 4.63 20.77 9.92
N SER A 253 5.48 19.89 10.44
CA SER A 253 6.81 20.25 10.91
C SER A 253 7.86 19.47 10.14
N GLY A 254 7.41 18.48 9.36
CA GLY A 254 8.31 17.72 8.52
C GLY A 254 7.76 16.37 8.10
N ALA A 255 8.63 15.56 7.52
CA ALA A 255 8.24 14.26 6.99
C ALA A 255 9.49 13.45 6.85
N SER A 256 9.32 12.14 6.78
CA SER A 256 10.44 11.23 6.72
C SER A 256 10.02 9.97 5.96
N ILE A 257 10.77 9.61 4.93
CA ILE A 257 10.44 8.43 4.15
C ILE A 257 11.39 7.28 4.45
N GLN A 258 10.84 6.16 4.86
CA GLN A 258 11.57 4.92 4.93
C GLN A 258 11.20 4.11 3.68
N SER A 259 12.20 3.75 2.87
CA SER A 259 11.96 2.92 1.69
C SER A 259 12.31 1.47 1.94
N TYR A 260 11.61 0.59 1.26
CA TYR A 260 11.80 -0.82 1.47
C TYR A 260 11.96 -1.56 0.16
N LEU A 261 12.95 -2.42 0.11
CA LEU A 261 12.90 -3.50 -0.86
C LEU A 261 12.80 -3.02 -2.31
N LEU A 262 13.68 -2.09 -2.69
CA LEU A 262 13.83 -1.72 -4.08
C LEU A 262 14.11 -2.95 -4.92
N GLU A 263 13.46 -3.06 -6.07
CA GLU A 263 13.63 -4.21 -6.92
C GLU A 263 14.86 -4.06 -7.81
N LYS A 264 16.04 -4.16 -7.19
CA LYS A 264 17.32 -3.97 -7.90
C LYS A 264 17.49 -4.76 -9.16
N SER A 265 16.86 -5.92 -9.21
CA SER A 265 17.04 -6.78 -10.36
C SER A 265 16.45 -6.17 -11.63
N ARG A 266 15.46 -5.30 -11.48
CA ARG A 266 14.83 -4.69 -12.65
C ARG A 266 15.87 -3.97 -13.49
N VAL A 267 16.88 -3.40 -12.84
CA VAL A 267 17.84 -2.56 -13.55
C VAL A 267 18.53 -3.31 -14.67
N VAL A 268 18.75 -4.61 -14.47
CA VAL A 268 19.52 -5.38 -15.44
C VAL A 268 18.63 -6.36 -16.19
N PHE A 269 17.43 -6.56 -15.69
CA PHE A 269 16.52 -7.45 -16.38
C PHE A 269 15.07 -7.02 -16.24
N GLN A 270 14.36 -7.11 -17.36
CA GLN A 270 12.93 -6.87 -17.40
C GLN A 270 12.30 -7.90 -18.32
N SER A 271 11.19 -8.49 -17.88
CA SER A 271 10.52 -9.49 -18.68
C SER A 271 9.76 -8.83 -19.86
N GLU A 272 9.21 -9.64 -20.75
CA GLU A 272 8.65 -9.08 -21.97
C GLU A 272 7.58 -8.02 -21.74
N THR A 273 7.66 -6.96 -22.53
CA THR A 273 6.74 -5.83 -22.49
C THR A 273 6.94 -4.92 -21.30
N GLU A 274 7.81 -5.30 -20.35
CA GLU A 274 7.96 -4.43 -19.18
C GLU A 274 9.01 -3.36 -19.42
N ARG A 275 9.23 -2.52 -18.42
CA ARG A 275 10.20 -1.46 -18.57
C ARG A 275 11.12 -1.42 -17.36
N ASN A 276 12.35 -0.97 -17.60
CA ASN A 276 13.23 -0.57 -16.55
C ASN A 276 12.62 0.62 -15.83
N TYR A 277 13.34 1.16 -14.86
CA TYR A 277 12.86 2.32 -14.12
C TYR A 277 12.65 3.52 -15.03
N HIS A 278 11.61 4.31 -14.75
CA HIS A 278 11.28 5.42 -15.63
C HIS A 278 12.53 6.25 -15.91
N ILE A 279 13.38 6.38 -14.90
CA ILE A 279 14.48 7.34 -15.00
C ILE A 279 15.33 7.10 -16.25
N PHE A 280 15.63 5.85 -16.57
CA PHE A 280 16.44 5.60 -17.76
C PHE A 280 15.82 6.17 -19.06
N TYR A 281 14.52 5.99 -19.25
CA TYR A 281 13.85 6.50 -20.45
C TYR A 281 13.67 8.02 -20.40
N GLN A 282 13.41 8.56 -19.22
CA GLN A 282 13.30 10.00 -19.01
C GLN A 282 14.59 10.69 -19.40
N LEU A 283 15.70 10.23 -18.84
CA LEU A 283 17.03 10.71 -19.20
C LEU A 283 17.26 10.69 -20.72
N LEU A 284 17.21 9.50 -21.30
CA LEU A 284 17.47 9.32 -22.73
C LEU A 284 16.62 10.21 -23.64
N ALA A 285 15.35 10.40 -23.26
CA ALA A 285 14.41 11.15 -24.09
C ALA A 285 14.30 12.62 -23.72
N GLY A 286 14.86 13.01 -22.57
CA GLY A 286 14.70 14.37 -22.08
C GLY A 286 15.99 15.14 -21.85
N ALA A 287 17.14 14.53 -22.16
CA ALA A 287 18.42 15.22 -22.00
C ALA A 287 18.70 16.21 -23.13
N THR A 288 19.37 17.32 -22.80
CA THR A 288 19.86 18.25 -23.81
C THR A 288 20.87 17.51 -24.69
N ALA A 289 20.93 17.86 -25.96
CA ALA A 289 21.86 17.19 -26.87
C ALA A 289 23.30 17.22 -26.36
N GLU A 290 23.61 18.21 -25.54
CA GLU A 290 24.95 18.35 -24.97
C GLU A 290 25.13 17.43 -23.77
N GLU A 291 24.05 17.18 -23.04
CA GLU A 291 24.08 16.20 -21.96
C GLU A 291 24.23 14.82 -22.61
N LYS A 292 23.49 14.58 -23.69
CA LYS A 292 23.62 13.33 -24.43
C LYS A 292 25.07 13.14 -24.88
N LYS A 293 25.75 14.26 -25.11
CA LYS A 293 27.13 14.23 -25.61
C LYS A 293 28.10 13.90 -24.51
N ALA A 294 27.94 14.57 -23.37
CA ALA A 294 28.83 14.40 -22.24
C ALA A 294 28.67 13.01 -21.64
N LEU A 295 27.47 12.46 -21.75
CA LEU A 295 27.17 11.17 -21.17
C LEU A 295 27.22 10.04 -22.20
N HIS A 296 27.52 10.40 -23.45
CA HIS A 296 27.63 9.38 -24.50
C HIS A 296 26.33 8.62 -24.62
N LEU A 297 25.24 9.28 -24.25
CA LEU A 297 23.91 8.70 -24.44
C LEU A 297 23.58 8.41 -25.90
N ALA A 298 22.46 7.73 -26.09
CA ALA A 298 21.90 7.39 -27.39
C ALA A 298 20.55 6.84 -27.02
N GLY A 299 19.85 6.27 -27.99
CA GLY A 299 18.54 5.72 -27.73
C GLY A 299 18.36 4.41 -27.00
N PRO A 300 17.25 4.29 -26.27
CA PRO A 300 16.83 3.10 -25.52
C PRO A 300 17.31 1.82 -26.18
N GLU A 301 17.14 1.76 -27.49
CA GLU A 301 17.41 0.54 -28.23
C GLU A 301 18.91 0.28 -28.36
N SER A 302 19.71 1.27 -27.98
CA SER A 302 21.15 1.13 -28.00
C SER A 302 21.70 0.48 -26.72
N PHE A 303 20.83 0.23 -25.74
CA PHE A 303 21.28 -0.30 -24.46
C PHE A 303 20.63 -1.63 -24.10
N ASN A 304 21.47 -2.61 -23.77
CA ASN A 304 21.00 -3.93 -23.38
C ASN A 304 20.07 -3.89 -22.19
N TYR A 305 20.21 -2.88 -21.34
CA TYR A 305 19.38 -2.77 -20.15
C TYR A 305 17.98 -2.21 -20.47
N LEU A 306 17.83 -1.67 -21.67
CA LEU A 306 16.58 -1.03 -22.09
C LEU A 306 15.98 -1.68 -23.33
N ASN A 307 16.70 -2.64 -23.92
CA ASN A 307 16.24 -3.10 -25.22
C ASN A 307 15.90 -4.57 -25.35
N GLN A 308 15.57 -5.21 -24.23
CA GLN A 308 15.23 -6.63 -24.27
C GLN A 308 13.73 -6.91 -24.07
N SER A 309 13.01 -5.96 -23.47
CA SER A 309 11.59 -6.17 -23.15
C SER A 309 10.73 -6.00 -24.38
N GLY A 310 11.20 -5.18 -25.32
CA GLY A 310 10.45 -4.91 -26.52
C GLY A 310 9.55 -3.69 -26.32
N CYS A 311 9.75 -3.02 -25.20
CA CYS A 311 8.95 -1.86 -24.86
C CYS A 311 9.81 -0.75 -24.30
N VAL A 312 9.80 0.41 -24.95
CA VAL A 312 10.55 1.56 -24.43
C VAL A 312 9.66 2.71 -24.09
N ASP A 313 8.37 2.57 -24.35
CA ASP A 313 7.47 3.65 -23.96
C ASP A 313 6.15 3.15 -23.46
N ILE A 314 5.48 4.03 -22.72
CA ILE A 314 4.22 3.73 -22.08
C ILE A 314 3.15 4.60 -22.72
N LYS A 315 2.09 3.97 -23.23
CA LYS A 315 1.00 4.73 -23.85
C LYS A 315 0.57 5.90 -22.98
N GLY A 316 0.62 7.10 -23.55
CA GLY A 316 0.14 8.31 -22.89
C GLY A 316 1.10 8.92 -21.90
N VAL A 317 2.33 8.43 -21.90
CA VAL A 317 3.35 9.00 -21.05
C VAL A 317 4.46 9.54 -21.93
N SER A 318 4.83 10.78 -21.68
CA SER A 318 6.00 11.38 -22.32
C SER A 318 7.17 11.34 -21.34
N ASP A 319 8.16 10.51 -21.64
CA ASP A 319 9.37 10.43 -20.81
C ASP A 319 10.19 11.72 -20.85
N SER A 320 10.27 12.35 -22.03
CA SER A 320 10.95 13.63 -22.17
C SER A 320 10.34 14.62 -21.21
N GLU A 321 9.02 14.55 -21.08
CA GLU A 321 8.26 15.47 -20.27
C GLU A 321 8.36 15.14 -18.79
N GLU A 322 8.17 13.87 -18.45
CA GLU A 322 8.35 13.40 -17.08
C GLU A 322 9.75 13.75 -16.57
N PHE A 323 10.72 13.71 -17.48
CA PHE A 323 12.08 14.10 -17.12
C PHE A 323 12.12 15.53 -16.60
N LYS A 324 11.37 16.44 -17.22
CA LYS A 324 11.32 17.82 -16.77
C LYS A 324 10.71 17.87 -15.37
N ILE A 325 9.64 17.11 -15.16
CA ILE A 325 9.04 17.05 -13.84
C ILE A 325 10.03 16.58 -12.77
N THR A 326 10.85 15.59 -13.11
CA THR A 326 11.81 15.05 -12.15
C THR A 326 12.88 16.09 -11.82
N ARG A 327 13.43 16.70 -12.86
CA ARG A 327 14.43 17.73 -12.68
C ARG A 327 13.89 18.84 -11.80
N GLN A 328 12.67 19.27 -12.09
CA GLN A 328 12.04 20.34 -11.32
C GLN A 328 11.81 19.89 -9.88
N ALA A 329 11.41 18.64 -9.70
CA ALA A 329 11.26 18.10 -8.36
C ALA A 329 12.61 18.09 -7.65
N MET A 330 13.68 17.78 -8.38
CA MET A 330 15.01 17.81 -7.77
C MET A 330 15.47 19.23 -7.42
N ASP A 331 15.15 20.21 -8.27
CA ASP A 331 15.40 21.61 -7.91
C ASP A 331 14.68 21.96 -6.61
N ILE A 332 13.36 21.81 -6.60
CA ILE A 332 12.53 22.18 -5.45
C ILE A 332 12.95 21.51 -4.15
N VAL A 333 13.46 20.28 -4.25
CA VAL A 333 13.91 19.56 -3.06
C VAL A 333 15.28 20.06 -2.61
N GLY A 334 16.10 20.50 -3.55
CA GLY A 334 17.38 21.10 -3.19
C GLY A 334 18.60 20.36 -3.69
N PHE A 335 18.44 19.59 -4.77
CA PHE A 335 19.55 18.88 -5.36
C PHE A 335 20.36 19.81 -6.26
N SER A 336 21.56 20.18 -5.80
CA SER A 336 22.47 21.02 -6.56
C SER A 336 22.79 20.51 -7.96
N GLN A 337 22.92 21.42 -8.91
CA GLN A 337 23.19 21.06 -10.31
C GLN A 337 24.34 20.08 -10.55
N GLU A 338 25.27 20.05 -9.61
CA GLU A 338 26.36 19.10 -9.67
C GLU A 338 25.80 17.75 -9.21
N GLU A 339 25.06 17.78 -8.10
CA GLU A 339 24.40 16.58 -7.59
C GLU A 339 23.52 15.95 -8.65
N GLN A 340 22.74 16.76 -9.35
CA GLN A 340 21.87 16.22 -10.38
C GLN A 340 22.63 15.63 -11.54
N MET A 341 23.68 16.31 -12.00
CA MET A 341 24.45 15.77 -13.12
C MET A 341 25.19 14.50 -12.72
N SER A 342 25.67 14.46 -11.48
CA SER A 342 26.27 13.23 -10.96
C SER A 342 25.25 12.09 -11.07
N ILE A 343 24.03 12.39 -10.64
CA ILE A 343 22.94 11.42 -10.65
C ILE A 343 22.70 10.88 -12.05
N PHE A 344 22.85 11.73 -13.05
CA PHE A 344 22.60 11.27 -14.42
C PHE A 344 23.81 10.59 -15.00
N LYS A 345 24.97 10.95 -14.49
CA LYS A 345 26.20 10.24 -14.80
C LYS A 345 26.06 8.79 -14.35
N ILE A 346 25.65 8.62 -13.10
CA ILE A 346 25.44 7.29 -12.55
C ILE A 346 24.41 6.51 -13.36
N ILE A 347 23.33 7.19 -13.77
CA ILE A 347 22.29 6.59 -14.59
C ILE A 347 22.87 6.23 -15.96
N ALA A 348 23.58 7.18 -16.57
CA ALA A 348 24.28 6.91 -17.83
C ALA A 348 25.34 5.80 -17.66
N GLY A 349 26.07 5.85 -16.57
CA GLY A 349 27.10 4.87 -16.32
C GLY A 349 26.57 3.44 -16.24
N ILE A 350 25.45 3.29 -15.54
CA ILE A 350 24.77 2.00 -15.44
C ILE A 350 24.42 1.47 -16.85
N LEU A 351 23.86 2.33 -17.69
CA LEU A 351 23.50 1.95 -19.05
C LEU A 351 24.69 1.40 -19.86
N HIS A 352 25.83 2.09 -19.79
CA HIS A 352 27.07 1.62 -20.43
C HIS A 352 27.59 0.31 -19.85
N LEU A 353 27.66 0.24 -18.53
CA LEU A 353 28.06 -1.00 -17.85
C LEU A 353 27.27 -2.16 -18.48
N GLY A 354 26.00 -1.89 -18.77
CA GLY A 354 25.12 -2.89 -19.34
C GLY A 354 25.52 -3.31 -20.74
N ASN A 355 26.22 -2.44 -21.44
CA ASN A 355 26.63 -2.74 -22.82
C ASN A 355 27.95 -3.44 -22.93
N ILE A 356 28.63 -3.57 -21.80
CA ILE A 356 29.87 -4.30 -21.81
C ILE A 356 29.60 -5.71 -22.30
N LYS A 357 30.30 -6.11 -23.36
CA LYS A 357 30.18 -7.49 -23.81
C LYS A 357 31.39 -8.34 -23.41
N PHE A 358 31.18 -9.30 -22.52
CA PHE A 358 32.25 -10.22 -22.16
C PHE A 358 32.31 -11.37 -23.14
N GLU A 359 33.52 -11.81 -23.46
CA GLU A 359 33.67 -12.95 -24.34
C GLU A 359 34.71 -13.92 -23.82
N LYS A 360 34.68 -15.13 -24.34
CA LYS A 360 35.64 -16.13 -23.93
C LYS A 360 37.00 -15.80 -24.50
N GLY A 361 38.03 -15.89 -23.66
CA GLY A 361 39.39 -15.67 -24.12
C GLY A 361 39.96 -16.98 -24.59
N ALA A 362 41.29 -17.09 -24.52
CA ALA A 362 41.94 -18.34 -24.90
C ALA A 362 41.53 -19.42 -23.91
N GLY A 363 41.63 -19.10 -22.62
CA GLY A 363 41.27 -20.03 -21.57
C GLY A 363 39.78 -20.04 -21.29
N GLU A 364 39.41 -20.38 -20.06
CA GLU A 364 38.00 -20.43 -19.69
C GLU A 364 37.51 -19.06 -19.20
N GLY A 365 38.42 -18.26 -18.64
CA GLY A 365 38.10 -16.95 -18.13
C GLY A 365 37.76 -16.00 -19.26
N ALA A 366 37.02 -14.93 -18.94
CA ALA A 366 36.50 -14.00 -19.93
C ALA A 366 37.49 -12.90 -20.33
N VAL A 367 37.23 -12.27 -21.47
CA VAL A 367 38.05 -11.18 -21.97
C VAL A 367 37.14 -10.08 -22.51
N LEU A 368 37.64 -8.84 -22.54
CA LEU A 368 36.84 -7.73 -23.05
C LEU A 368 37.48 -7.17 -24.30
N LYS A 369 37.08 -7.68 -25.45
CA LYS A 369 37.67 -7.31 -26.74
C LYS A 369 37.29 -5.90 -27.19
N ASP A 370 36.06 -5.50 -26.97
CA ASP A 370 35.66 -4.13 -27.29
C ASP A 370 35.45 -3.36 -26.00
N LYS A 371 36.24 -2.31 -25.82
CA LYS A 371 36.24 -1.56 -24.56
C LYS A 371 35.44 -0.26 -24.65
N THR A 372 34.67 -0.11 -25.73
CA THR A 372 33.84 1.08 -25.91
C THR A 372 32.94 1.33 -24.71
N ALA A 373 32.07 0.37 -24.40
CA ALA A 373 31.17 0.51 -23.24
C ALA A 373 31.93 0.69 -21.91
N LEU A 374 32.98 -0.10 -21.71
CA LEU A 374 33.80 0.02 -20.50
C LEU A 374 34.31 1.45 -20.31
N ASN A 375 34.92 1.99 -21.35
CA ASN A 375 35.49 3.34 -21.27
C ASN A 375 34.46 4.44 -21.05
N ALA A 376 33.33 4.34 -21.73
CA ALA A 376 32.26 5.33 -21.56
C ALA A 376 31.74 5.32 -20.12
N ALA A 377 31.64 4.12 -19.56
CA ALA A 377 31.23 3.97 -18.16
C ALA A 377 32.26 4.59 -17.23
N SER A 378 33.54 4.27 -17.43
CA SER A 378 34.58 4.76 -16.54
C SER A 378 34.65 6.27 -16.64
N THR A 379 34.67 6.77 -17.87
CA THR A 379 34.57 8.21 -18.13
C THR A 379 33.50 8.83 -17.23
N VAL A 380 32.26 8.40 -17.43
CA VAL A 380 31.12 8.95 -16.73
C VAL A 380 31.19 8.76 -15.19
N PHE A 381 31.57 7.57 -14.73
CA PHE A 381 31.76 7.34 -13.30
C PHE A 381 32.99 8.02 -12.68
N GLY A 382 33.98 8.35 -13.50
CA GLY A 382 35.22 8.87 -12.96
C GLY A 382 36.04 7.80 -12.26
N VAL A 383 36.16 6.65 -12.92
CA VAL A 383 36.94 5.56 -12.38
C VAL A 383 37.94 5.11 -13.44
N ASN A 384 38.99 4.43 -13.02
CA ASN A 384 40.01 3.95 -13.93
C ASN A 384 39.52 2.73 -14.69
N PRO A 385 39.43 2.84 -16.02
CA PRO A 385 38.83 1.76 -16.82
C PRO A 385 39.57 0.42 -16.75
N SER A 386 40.89 0.45 -16.68
CA SER A 386 41.61 -0.82 -16.66
C SER A 386 41.56 -1.45 -15.28
N VAL A 387 41.45 -0.60 -14.25
CA VAL A 387 41.13 -1.06 -12.91
C VAL A 387 39.72 -1.69 -12.84
N LEU A 388 38.72 -1.00 -13.40
CA LEU A 388 37.37 -1.54 -13.46
C LEU A 388 37.35 -2.87 -14.24
N GLU A 389 38.00 -2.89 -15.39
CA GLU A 389 38.10 -4.11 -16.20
C GLU A 389 38.68 -5.30 -15.40
N LYS A 390 39.78 -5.05 -14.69
CA LYS A 390 40.40 -6.10 -13.90
C LYS A 390 39.48 -6.53 -12.75
N ALA A 391 38.79 -5.56 -12.17
CA ALA A 391 37.84 -5.84 -11.09
C ALA A 391 36.60 -6.62 -11.57
N LEU A 392 36.32 -6.54 -12.86
CA LEU A 392 35.16 -7.20 -13.42
C LEU A 392 35.52 -8.64 -13.70
N MET A 393 36.63 -8.84 -14.39
CA MET A 393 36.98 -10.17 -14.90
C MET A 393 37.94 -10.95 -14.03
N GLU A 394 38.76 -10.18 -13.30
CA GLU A 394 39.78 -10.75 -12.43
C GLU A 394 39.75 -10.14 -11.02
N PRO A 395 38.61 -10.27 -10.32
CA PRO A 395 38.57 -9.78 -8.94
C PRO A 395 39.46 -10.60 -8.02
N ARG A 396 40.05 -9.97 -7.01
CA ARG A 396 40.87 -10.73 -6.10
C ARG A 396 40.06 -11.12 -4.87
N ILE A 397 40.27 -12.35 -4.41
CA ILE A 397 39.67 -12.81 -3.17
C ILE A 397 40.74 -13.37 -2.22
N LEU A 398 40.40 -13.50 -0.94
CA LEU A 398 41.20 -14.30 -0.04
C LEU A 398 40.94 -15.79 -0.28
N ALA A 399 41.98 -16.59 -0.16
CA ALA A 399 41.86 -18.05 -0.16
C ALA A 399 42.64 -18.52 1.06
N GLY A 400 41.95 -18.58 2.19
CA GLY A 400 42.62 -18.63 3.47
C GLY A 400 43.01 -17.20 3.75
N ARG A 401 44.31 -16.95 3.78
CA ARG A 401 44.82 -15.58 3.93
C ARG A 401 45.61 -15.17 2.69
N ASP A 402 45.74 -16.11 1.76
CA ASP A 402 46.37 -15.83 0.48
C ASP A 402 45.48 -14.92 -0.38
N LEU A 403 46.11 -14.11 -1.21
CA LEU A 403 45.40 -13.20 -2.10
C LEU A 403 45.48 -13.78 -3.50
N VAL A 404 44.33 -14.16 -4.06
CA VAL A 404 44.29 -14.86 -5.33
C VAL A 404 43.40 -14.12 -6.33
N ALA A 405 43.93 -13.95 -7.53
CA ALA A 405 43.19 -13.27 -8.57
C ALA A 405 42.30 -14.27 -9.30
N GLN A 406 41.01 -14.01 -9.27
CA GLN A 406 40.05 -14.86 -9.97
C GLN A 406 40.16 -14.61 -11.46
N HIS A 407 39.85 -15.61 -12.26
CA HIS A 407 39.58 -15.31 -13.65
C HIS A 407 38.21 -15.80 -14.03
N LEU A 408 37.22 -14.93 -13.85
CA LEU A 408 35.83 -15.30 -14.02
C LEU A 408 35.53 -15.60 -15.48
N ASN A 409 34.64 -16.56 -15.72
CA ASN A 409 34.20 -16.79 -17.10
C ASN A 409 33.24 -15.70 -17.60
N VAL A 410 32.61 -15.94 -18.74
CA VAL A 410 31.71 -14.97 -19.33
C VAL A 410 30.49 -14.77 -18.45
N GLU A 411 29.83 -15.88 -18.16
CA GLU A 411 28.83 -15.96 -17.11
C GLU A 411 28.96 -15.37 -15.70
N LYS A 412 30.20 -15.27 -15.24
CA LYS A 412 30.49 -14.84 -13.88
C LYS A 412 30.77 -13.37 -14.06
N SER A 413 31.46 -13.02 -15.15
CA SER A 413 31.81 -11.63 -15.38
C SER A 413 30.54 -10.82 -15.63
N SER A 414 29.64 -11.37 -16.43
CA SER A 414 28.37 -10.70 -16.68
C SER A 414 27.58 -10.48 -15.38
N SER A 415 27.44 -11.53 -14.58
CA SER A 415 26.83 -11.46 -13.25
C SER A 415 27.43 -10.44 -12.28
N SER A 416 28.75 -10.36 -12.26
CA SER A 416 29.45 -9.44 -11.38
C SER A 416 29.20 -8.00 -11.81
N ARG A 417 29.26 -7.79 -13.12
CA ARG A 417 28.86 -6.53 -13.73
C ARG A 417 27.44 -6.17 -13.34
N ASP A 418 26.53 -7.15 -13.30
CA ASP A 418 25.14 -6.86 -12.94
C ASP A 418 25.08 -6.46 -11.50
N ALA A 419 25.90 -7.14 -10.69
CA ALA A 419 25.90 -6.91 -9.27
C ALA A 419 26.39 -5.50 -8.98
N LEU A 420 27.39 -5.07 -9.75
CA LEU A 420 27.91 -3.70 -9.61
C LEU A 420 26.80 -2.74 -9.98
N VAL A 421 26.09 -3.05 -11.06
CA VAL A 421 24.98 -2.22 -11.51
C VAL A 421 23.90 -2.10 -10.44
N LYS A 422 23.48 -3.23 -9.87
CA LYS A 422 22.40 -3.19 -8.90
C LYS A 422 22.79 -2.47 -7.62
N ALA A 423 24.05 -2.61 -7.23
CA ALA A 423 24.59 -1.96 -6.05
C ALA A 423 24.62 -0.46 -6.28
N LEU A 424 25.09 -0.08 -7.47
CA LEU A 424 25.10 1.30 -7.89
C LEU A 424 23.69 1.87 -7.79
N TYR A 425 22.75 1.15 -8.38
CA TYR A 425 21.40 1.71 -8.46
C TYR A 425 20.76 1.77 -7.08
N GLY A 426 20.94 0.71 -6.32
CA GLY A 426 20.36 0.60 -4.99
C GLY A 426 20.90 1.61 -4.02
N ARG A 427 22.20 1.87 -4.10
CA ARG A 427 22.82 2.83 -3.20
C ARG A 427 22.41 4.24 -3.57
N LEU A 428 22.37 4.51 -4.87
CA LEU A 428 21.86 5.77 -5.39
C LEU A 428 20.45 6.01 -4.88
N PHE A 429 19.60 5.00 -4.98
CA PHE A 429 18.22 5.20 -4.58
C PHE A 429 18.22 5.50 -3.10
N LEU A 430 19.02 4.78 -2.34
CA LEU A 430 19.02 4.99 -0.92
C LEU A 430 19.52 6.38 -0.57
N TRP A 431 20.52 6.83 -1.32
CA TRP A 431 21.07 8.16 -1.16
C TRP A 431 19.99 9.20 -1.41
N LEU A 432 19.35 9.12 -2.58
CA LEU A 432 18.23 10.00 -2.90
C LEU A 432 17.28 10.08 -1.70
N VAL A 433 16.90 8.94 -1.16
CA VAL A 433 16.01 8.96 -0.01
C VAL A 433 16.64 9.72 1.17
N ILE A 434 17.93 9.51 1.41
CA ILE A 434 18.64 10.12 2.54
C ILE A 434 18.71 11.63 2.38
N LYS A 435 18.93 12.05 1.16
CA LYS A 435 19.05 13.45 0.84
C LYS A 435 17.74 14.12 1.12
N ILE A 436 16.67 13.51 0.61
CA ILE A 436 15.32 14.01 0.78
C ILE A 436 14.95 14.04 2.25
N ASN A 437 15.14 12.93 2.95
CA ASN A 437 14.84 12.91 4.37
C ASN A 437 15.50 14.04 5.15
N ASN A 438 16.73 14.41 4.77
CA ASN A 438 17.48 15.41 5.49
C ASN A 438 16.94 16.82 5.25
N VAL A 439 16.45 17.05 4.04
CA VAL A 439 15.75 18.28 3.70
C VAL A 439 14.40 18.45 4.42
N LEU A 440 13.65 17.36 4.55
CA LEU A 440 12.26 17.42 5.01
C LEU A 440 12.12 17.38 6.52
N CYS A 441 13.06 16.70 7.17
CA CYS A 441 13.00 16.52 8.59
C CYS A 441 13.97 17.53 9.20
N GLN A 442 13.42 18.56 9.85
CA GLN A 442 14.20 19.63 10.45
C GLN A 442 13.49 20.18 11.68
N GLU A 443 12.67 19.34 12.28
CA GLU A 443 11.87 19.72 13.43
C GLU A 443 11.48 18.45 14.16
N ARG A 444 11.83 18.37 15.43
CA ARG A 444 11.40 17.27 16.27
C ARG A 444 9.88 17.17 16.19
N LYS A 445 9.37 16.08 15.63
CA LYS A 445 7.93 15.91 15.51
C LYS A 445 7.30 15.84 16.89
N ALA A 446 6.04 16.26 16.99
CA ALA A 446 5.28 16.06 18.20
C ALA A 446 4.38 14.87 17.94
N TYR A 447 3.82 14.83 16.72
CA TYR A 447 3.03 13.71 16.28
C TYR A 447 3.30 13.37 14.81
N PHE A 448 2.81 12.22 14.39
CA PHE A 448 2.80 11.91 12.97
C PHE A 448 1.59 11.10 12.52
N ILE A 449 1.27 11.26 11.23
CA ILE A 449 0.40 10.33 10.54
C ILE A 449 1.25 9.58 9.52
N GLY A 450 1.43 8.29 9.75
CA GLY A 450 2.22 7.46 8.85
C GLY A 450 1.38 6.95 7.69
N VAL A 451 1.85 7.13 6.46
CA VAL A 451 1.16 6.63 5.28
C VAL A 451 1.91 5.46 4.61
N LEU A 452 1.35 4.25 4.65
CA LEU A 452 2.04 3.08 4.11
C LEU A 452 1.72 2.80 2.63
N ASP A 453 2.73 2.88 1.78
CA ASP A 453 2.57 2.62 0.34
C ASP A 453 3.54 1.54 -0.16
N ILE A 454 3.17 0.28 0.02
CA ILE A 454 4.05 -0.85 -0.32
C ILE A 454 3.83 -1.24 -1.77
N SER A 455 4.74 -2.03 -2.30
CA SER A 455 4.49 -2.78 -3.53
C SER A 455 3.38 -3.80 -3.26
N GLY A 456 2.34 -3.77 -4.06
CA GLY A 456 1.19 -4.61 -3.81
C GLY A 456 1.36 -6.04 -4.29
N PHE A 457 0.47 -6.89 -3.82
CA PHE A 457 0.50 -8.28 -4.18
C PHE A 457 0.63 -8.45 -5.69
N GLU A 458 1.52 -9.33 -6.12
CA GLU A 458 1.63 -9.57 -7.55
C GLU A 458 2.01 -10.99 -7.93
N ILE A 459 1.51 -11.40 -9.09
CA ILE A 459 1.80 -12.70 -9.63
C ILE A 459 2.15 -12.56 -11.10
N PHE A 460 3.25 -13.18 -11.50
CA PHE A 460 3.68 -13.19 -12.88
C PHE A 460 3.87 -14.65 -13.27
N LYS A 461 4.12 -14.89 -14.55
CA LYS A 461 4.48 -16.22 -15.03
C LYS A 461 5.67 -16.76 -14.25
N VAL A 462 6.64 -15.88 -13.99
CA VAL A 462 7.83 -16.23 -13.20
C VAL A 462 7.96 -15.36 -11.96
N ASN A 463 7.81 -15.98 -10.80
CA ASN A 463 7.91 -15.28 -9.54
C ASN A 463 9.18 -15.65 -8.83
N SER A 464 9.92 -14.65 -8.41
CA SER A 464 11.21 -14.91 -7.84
C SER A 464 11.22 -14.39 -6.42
N PHE A 465 12.41 -14.23 -5.87
CA PHE A 465 12.56 -13.86 -4.50
C PHE A 465 11.91 -12.51 -4.23
N GLU A 466 12.07 -11.57 -5.16
CA GLU A 466 11.49 -10.24 -5.02
C GLU A 466 9.99 -10.37 -4.72
N GLN A 467 9.30 -11.21 -5.49
CA GLN A 467 7.86 -11.42 -5.33
C GLN A 467 7.48 -12.06 -4.02
N LEU A 468 8.26 -13.06 -3.60
CA LEU A 468 8.07 -13.67 -2.30
C LEU A 468 8.09 -12.59 -1.23
N CYS A 469 9.04 -11.68 -1.33
CA CYS A 469 9.20 -10.61 -0.35
C CYS A 469 8.03 -9.65 -0.45
N ILE A 470 7.67 -9.27 -1.68
CA ILE A 470 6.50 -8.43 -1.87
C ILE A 470 5.23 -9.04 -1.28
N ASN A 471 4.93 -10.30 -1.62
CA ASN A 471 3.67 -10.94 -1.22
C ASN A 471 3.62 -11.31 0.26
N TYR A 472 4.79 -11.49 0.85
CA TYR A 472 4.90 -11.71 2.28
C TYR A 472 4.54 -10.42 3.02
N THR A 473 5.08 -9.32 2.53
CA THR A 473 4.72 -8.00 3.02
C THR A 473 3.20 -7.78 2.92
N ASN A 474 2.63 -7.97 1.73
CA ASN A 474 1.19 -7.85 1.61
C ASN A 474 0.46 -8.80 2.53
N GLU A 475 0.99 -10.02 2.70
CA GLU A 475 0.40 -10.97 3.64
C GLU A 475 0.37 -10.41 5.09
N LYS A 476 1.44 -9.73 5.50
CA LYS A 476 1.51 -9.18 6.85
C LYS A 476 0.61 -7.94 7.03
N LEU A 477 0.54 -7.12 6.00
CA LEU A 477 -0.35 -5.99 6.04
C LEU A 477 -1.79 -6.47 6.24
N GLN A 478 -2.19 -7.51 5.51
CA GLN A 478 -3.54 -8.04 5.62
C GLN A 478 -3.81 -8.64 7.00
N GLN A 479 -2.81 -9.35 7.56
CA GLN A 479 -2.93 -9.88 8.90
C GLN A 479 -3.03 -8.73 9.90
N PHE A 480 -2.40 -7.62 9.61
CA PHE A 480 -2.53 -6.46 10.49
C PHE A 480 -4.01 -6.01 10.51
N PHE A 481 -4.63 -5.84 9.33
CA PHE A 481 -6.07 -5.64 9.22
C PHE A 481 -6.87 -6.70 10.00
N ASN A 482 -6.51 -7.95 9.80
CA ASN A 482 -7.24 -9.02 10.45
C ASN A 482 -7.18 -8.83 11.95
N HIS A 483 -6.03 -8.35 12.39
CA HIS A 483 -5.72 -8.34 13.79
C HIS A 483 -6.50 -7.23 14.49
N HIS A 484 -6.57 -6.07 13.86
CA HIS A 484 -7.24 -4.92 14.44
C HIS A 484 -8.75 -4.97 14.30
N MET A 485 -9.22 -5.57 13.22
CA MET A 485 -10.64 -5.58 12.94
C MET A 485 -11.33 -6.64 13.76
N PHE A 486 -10.66 -7.78 13.92
CA PHE A 486 -11.32 -8.93 14.50
C PHE A 486 -10.72 -9.39 15.82
N LYS A 487 -9.40 -9.55 15.85
CA LYS A 487 -8.76 -10.15 17.00
C LYS A 487 -8.71 -9.19 18.19
N LEU A 488 -8.17 -7.99 17.97
CA LEU A 488 -8.04 -7.01 19.03
C LEU A 488 -9.40 -6.52 19.45
N GLU A 489 -10.29 -6.35 18.47
CA GLU A 489 -11.64 -5.88 18.71
C GLU A 489 -12.33 -6.77 19.73
N GLN A 490 -12.40 -8.06 19.42
CA GLN A 490 -13.12 -8.97 20.28
C GLN A 490 -12.41 -9.11 21.63
N GLU A 491 -11.11 -9.37 21.61
CA GLU A 491 -10.33 -9.46 22.84
C GLU A 491 -10.71 -8.35 23.81
N GLU A 492 -10.98 -7.18 23.27
CA GLU A 492 -11.48 -6.08 24.07
C GLU A 492 -12.82 -6.49 24.68
N TYR A 493 -13.82 -6.70 23.83
CA TYR A 493 -15.14 -7.14 24.30
C TYR A 493 -15.03 -8.20 25.41
N LEU A 494 -14.04 -9.09 25.31
CA LEU A 494 -13.83 -10.14 26.31
C LEU A 494 -13.36 -9.55 27.62
N LYS A 495 -12.29 -8.76 27.55
CA LYS A 495 -11.78 -8.03 28.68
C LYS A 495 -12.95 -7.37 29.40
N GLU A 496 -13.67 -6.50 28.70
CA GLU A 496 -14.79 -5.76 29.27
C GLU A 496 -15.99 -6.63 29.62
N LYS A 497 -15.89 -7.92 29.31
CA LYS A 497 -16.92 -8.87 29.68
C LYS A 497 -18.33 -8.38 29.37
N ILE A 498 -18.52 -7.80 28.18
CA ILE A 498 -19.83 -7.28 27.81
C ILE A 498 -20.75 -8.35 27.23
N ASN A 499 -20.55 -9.60 27.65
CA ASN A 499 -21.35 -10.72 27.16
C ASN A 499 -21.31 -10.80 25.64
N TRP A 500 -20.09 -10.94 25.12
CA TRP A 500 -19.88 -11.13 23.70
C TRP A 500 -19.53 -12.59 23.44
N THR A 501 -20.28 -13.25 22.56
CA THR A 501 -19.85 -14.58 22.15
C THR A 501 -18.89 -14.44 20.98
N PHE A 502 -17.69 -14.97 21.18
CA PHE A 502 -16.64 -14.91 20.17
C PHE A 502 -17.12 -15.38 18.81
N ILE A 503 -16.63 -14.69 17.78
CA ILE A 503 -16.90 -15.10 16.41
C ILE A 503 -15.58 -15.40 15.73
N ASP A 504 -15.53 -16.50 15.00
CA ASP A 504 -14.39 -16.76 14.14
C ASP A 504 -14.70 -16.24 12.74
N PHE A 505 -13.95 -15.23 12.31
CA PHE A 505 -14.20 -14.62 11.01
C PHE A 505 -13.48 -15.33 9.88
N GLY A 506 -12.75 -16.40 10.23
CA GLY A 506 -12.17 -17.31 9.25
C GLY A 506 -11.08 -16.67 8.46
N LEU A 507 -10.53 -15.59 9.00
CA LEU A 507 -9.46 -14.85 8.36
C LEU A 507 -8.25 -14.84 9.25
N ASP A 508 -7.26 -15.63 8.88
CA ASP A 508 -6.01 -15.66 9.61
C ASP A 508 -4.96 -16.22 8.70
N SER A 509 -4.03 -15.36 8.30
CA SER A 509 -3.00 -15.78 7.38
C SER A 509 -1.69 -15.90 8.13
N GLN A 510 -1.81 -16.33 9.39
CA GLN A 510 -0.66 -16.54 10.27
C GLN A 510 0.16 -17.75 9.83
N ALA A 511 -0.53 -18.80 9.42
CA ALA A 511 0.10 -20.03 8.98
C ALA A 511 1.00 -19.74 7.78
N THR A 512 0.50 -18.90 6.88
CA THR A 512 1.26 -18.52 5.70
C THR A 512 2.44 -17.67 6.08
N ILE A 513 2.20 -16.68 6.93
CA ILE A 513 3.27 -15.86 7.46
C ILE A 513 4.35 -16.70 8.13
N ASP A 514 3.93 -17.63 8.99
CA ASP A 514 4.88 -18.50 9.69
C ASP A 514 5.69 -19.32 8.71
N LEU A 515 5.00 -19.91 7.74
CA LEU A 515 5.65 -20.70 6.70
C LEU A 515 6.79 -19.92 6.03
N ILE A 516 6.70 -18.59 6.03
CA ILE A 516 7.70 -17.78 5.36
C ILE A 516 8.78 -17.29 6.31
N ASP A 517 8.40 -16.66 7.42
CA ASP A 517 9.37 -16.06 8.32
C ASP A 517 9.52 -16.80 9.65
N GLY A 518 9.06 -18.04 9.71
CA GLY A 518 9.13 -18.76 10.96
C GLY A 518 10.56 -19.06 11.36
N ARG A 519 10.85 -18.93 12.65
CA ARG A 519 12.17 -19.24 13.17
C ARG A 519 12.20 -20.68 13.63
N GLN A 520 11.34 -21.02 14.58
CA GLN A 520 11.26 -22.40 15.07
C GLN A 520 9.83 -22.87 15.07
N PRO A 521 9.53 -23.91 14.26
CA PRO A 521 10.46 -24.51 13.30
C PRO A 521 10.81 -23.51 12.20
N PRO A 522 11.89 -23.78 11.44
CA PRO A 522 12.38 -22.78 10.48
C PRO A 522 11.48 -22.66 9.23
N GLY A 523 11.15 -21.42 8.84
CA GLY A 523 10.36 -21.19 7.65
C GLY A 523 11.22 -21.09 6.41
N ILE A 524 10.62 -20.69 5.30
CA ILE A 524 11.38 -20.49 4.06
C ILE A 524 12.56 -19.55 4.22
N LEU A 525 12.36 -18.36 4.78
CA LEU A 525 13.45 -17.40 4.88
C LEU A 525 14.63 -17.94 5.72
N ALA A 526 14.30 -18.64 6.81
CA ALA A 526 15.31 -19.26 7.65
C ALA A 526 16.09 -20.32 6.90
N LEU A 527 15.40 -21.21 6.20
CA LEU A 527 16.10 -22.24 5.44
C LEU A 527 16.94 -21.60 4.33
N LEU A 528 16.37 -20.61 3.65
CA LEU A 528 17.10 -19.87 2.63
C LEU A 528 18.41 -19.39 3.22
N ASP A 529 18.31 -18.73 4.37
CA ASP A 529 19.48 -18.19 5.07
C ASP A 529 20.54 -19.26 5.44
N GLU A 530 20.07 -20.32 6.07
CA GLU A 530 20.87 -21.44 6.49
C GLU A 530 21.62 -21.92 5.26
N GLN A 531 20.90 -22.03 4.16
CA GLN A 531 21.47 -22.53 2.93
C GLN A 531 22.41 -21.49 2.30
N SER A 532 22.10 -20.19 2.50
CA SER A 532 22.89 -19.10 1.94
C SER A 532 24.35 -19.05 2.42
N VAL A 533 24.59 -19.56 3.61
CA VAL A 533 25.93 -19.50 4.18
C VAL A 533 26.49 -20.88 4.34
N PHE A 534 25.83 -21.84 3.69
CA PHE A 534 26.34 -23.19 3.58
C PHE A 534 27.15 -23.28 2.29
N PRO A 535 28.48 -23.46 2.43
CA PRO A 535 29.44 -23.23 1.34
C PRO A 535 29.23 -24.06 0.06
N ASN A 536 28.57 -25.20 0.17
CA ASN A 536 28.39 -26.05 -1.00
C ASN A 536 26.98 -26.00 -1.57
N ALA A 537 26.15 -25.12 -1.04
CA ALA A 537 24.71 -25.12 -1.34
C ALA A 537 24.40 -24.60 -2.74
N THR A 538 23.35 -25.13 -3.35
CA THR A 538 22.91 -24.65 -4.66
C THR A 538 21.42 -24.32 -4.62
N ASP A 539 20.95 -23.66 -5.66
CA ASP A 539 19.52 -23.40 -5.79
C ASP A 539 18.80 -24.72 -5.65
N ASN A 540 19.43 -25.77 -6.17
CA ASN A 540 18.88 -27.12 -6.11
C ASN A 540 18.89 -27.73 -4.71
N THR A 541 19.99 -27.65 -3.97
CA THR A 541 19.94 -28.13 -2.59
C THR A 541 18.96 -27.28 -1.80
N LEU A 542 18.76 -26.03 -2.21
CA LEU A 542 17.82 -25.17 -1.51
C LEU A 542 16.36 -25.61 -1.71
N ILE A 543 15.94 -25.83 -2.95
CA ILE A 543 14.55 -26.21 -3.14
C ILE A 543 14.30 -27.60 -2.57
N THR A 544 15.27 -28.49 -2.71
CA THR A 544 15.20 -29.80 -2.05
C THR A 544 15.01 -29.63 -0.56
N LYS A 545 15.81 -28.78 0.07
CA LYS A 545 15.61 -28.51 1.49
C LYS A 545 14.18 -28.03 1.80
N LEU A 546 13.73 -26.97 1.13
CA LEU A 546 12.37 -26.48 1.27
C LEU A 546 11.34 -27.59 1.09
N HIS A 547 11.49 -28.36 0.03
CA HIS A 547 10.56 -29.44 -0.19
C HIS A 547 10.54 -30.40 1.00
N SER A 548 11.71 -30.69 1.54
CA SER A 548 11.82 -31.69 2.58
C SER A 548 11.19 -31.23 3.87
N HIS A 549 11.27 -29.94 4.15
CA HIS A 549 10.66 -29.35 5.34
C HIS A 549 9.15 -29.18 5.26
N PHE A 550 8.64 -28.88 4.07
CA PHE A 550 7.25 -28.39 3.97
C PHE A 550 6.33 -29.23 3.12
N SER A 551 6.89 -29.91 2.13
CA SER A 551 6.08 -30.72 1.26
C SER A 551 5.25 -31.74 2.05
N LYS A 552 3.93 -31.70 1.85
CA LYS A 552 2.98 -32.57 2.55
C LYS A 552 3.02 -32.42 4.07
N LYS A 553 3.69 -31.38 4.55
CA LYS A 553 3.77 -31.10 5.97
C LYS A 553 3.18 -29.73 6.30
N ASN A 554 3.37 -28.75 5.42
CA ASN A 554 2.74 -27.46 5.62
C ASN A 554 1.55 -27.26 4.68
N ALA A 555 0.39 -26.99 5.26
CA ALA A 555 -0.84 -26.83 4.47
C ALA A 555 -0.80 -25.61 3.53
N LYS A 556 0.13 -24.72 3.75
CA LYS A 556 0.19 -23.53 2.90
C LYS A 556 1.22 -23.68 1.81
N TYR A 557 1.91 -24.83 1.81
CA TYR A 557 3.07 -25.06 0.96
C TYR A 557 2.74 -26.12 -0.05
N GLU A 558 3.27 -25.99 -1.25
CA GLU A 558 3.10 -27.07 -2.19
C GLU A 558 4.36 -27.34 -3.02
N GLU A 559 4.72 -28.61 -3.07
CA GLU A 559 5.73 -29.06 -4.00
C GLU A 559 4.99 -29.46 -5.27
N PRO A 560 5.18 -28.68 -6.34
CA PRO A 560 4.50 -28.99 -7.59
C PRO A 560 5.04 -30.27 -8.20
N ARG A 561 4.18 -31.02 -8.90
CA ARG A 561 4.59 -32.24 -9.56
C ARG A 561 5.10 -31.95 -10.96
N PHE A 562 4.82 -30.72 -11.43
CA PHE A 562 5.11 -30.32 -12.80
C PHE A 562 6.47 -29.65 -12.96
N SER A 563 7.16 -29.40 -11.84
CA SER A 563 8.44 -28.69 -11.86
C SER A 563 9.35 -29.11 -10.69
N LYS A 564 10.67 -29.05 -10.88
CA LYS A 564 11.60 -29.32 -9.78
C LYS A 564 12.19 -28.04 -9.20
N THR A 565 11.86 -26.90 -9.78
CA THR A 565 12.52 -25.64 -9.41
C THR A 565 11.55 -24.63 -8.81
N GLU A 566 10.31 -25.06 -8.59
CA GLU A 566 9.28 -24.16 -8.09
C GLU A 566 8.62 -24.71 -6.85
N PHE A 567 8.22 -23.82 -5.96
CA PHE A 567 7.42 -24.21 -4.81
C PHE A 567 6.26 -23.23 -4.68
N GLY A 568 5.12 -23.70 -4.20
CA GLY A 568 3.92 -22.87 -4.12
C GLY A 568 3.64 -22.41 -2.70
N VAL A 569 3.40 -21.11 -2.53
CA VAL A 569 2.89 -20.61 -1.26
C VAL A 569 1.45 -20.17 -1.47
N THR A 570 0.55 -20.65 -0.61
CA THR A 570 -0.84 -20.23 -0.63
C THR A 570 -0.99 -18.98 0.25
N HIS A 571 -1.12 -17.83 -0.40
CA HIS A 571 -1.29 -16.53 0.24
C HIS A 571 -2.76 -16.21 0.38
N TYR A 572 -3.06 -15.17 1.16
CA TYR A 572 -4.44 -14.71 1.34
C TYR A 572 -5.07 -14.39 -0.02
N ALA A 573 -4.29 -13.76 -0.89
CA ALA A 573 -4.73 -13.39 -2.23
C ALA A 573 -4.51 -14.46 -3.31
N GLY A 574 -4.07 -15.65 -2.93
CA GLY A 574 -4.00 -16.76 -3.86
C GLY A 574 -2.65 -17.46 -3.88
N GLN A 575 -2.63 -18.67 -4.43
CA GLN A 575 -1.39 -19.42 -4.49
C GLN A 575 -0.38 -18.85 -5.50
N VAL A 576 0.85 -18.71 -5.08
CA VAL A 576 1.88 -18.20 -5.95
C VAL A 576 2.97 -19.25 -6.06
N MET A 577 3.32 -19.57 -7.31
CA MET A 577 4.41 -20.47 -7.57
C MET A 577 5.69 -19.64 -7.73
N TYR A 578 6.72 -20.03 -6.98
CA TYR A 578 8.01 -19.33 -6.97
C TYR A 578 9.15 -20.17 -7.55
N GLU A 579 9.86 -19.56 -8.52
CA GLU A 579 11.01 -20.17 -9.16
C GLU A 579 12.22 -19.92 -8.28
N ILE A 580 12.92 -20.99 -7.92
CA ILE A 580 14.07 -20.92 -7.00
C ILE A 580 15.35 -20.32 -7.63
N GLN A 581 15.43 -20.36 -8.95
CA GLN A 581 16.65 -19.92 -9.62
C GLN A 581 17.19 -18.63 -8.98
N ASP A 582 18.48 -18.64 -8.64
CA ASP A 582 19.20 -17.46 -8.17
C ASP A 582 18.89 -17.02 -6.75
N TRP A 583 18.08 -17.76 -6.00
CA TRP A 583 17.72 -17.27 -4.67
C TRP A 583 18.93 -17.07 -3.77
N LEU A 584 19.87 -18.00 -3.84
CA LEU A 584 21.04 -17.91 -2.96
C LEU A 584 21.79 -16.64 -3.24
N GLU A 585 22.07 -16.38 -4.50
CA GLU A 585 22.81 -15.19 -4.84
C GLU A 585 22.01 -13.94 -4.51
N LYS A 586 20.69 -13.98 -4.71
CA LYS A 586 19.87 -12.81 -4.41
C LYS A 586 19.89 -12.55 -2.91
N ASN A 587 19.87 -13.61 -2.14
CA ASN A 587 19.86 -13.46 -0.71
C ASN A 587 21.23 -13.02 -0.18
N LYS A 588 22.31 -13.50 -0.81
CA LYS A 588 23.66 -13.12 -0.38
C LYS A 588 23.98 -11.72 -0.84
N ASP A 589 23.50 -11.40 -2.03
CA ASP A 589 23.67 -10.09 -2.61
C ASP A 589 25.13 -9.67 -2.63
N PRO A 590 25.98 -10.48 -3.25
CA PRO A 590 27.44 -10.28 -3.25
C PRO A 590 27.94 -9.24 -4.26
N LEU A 591 29.00 -8.54 -3.88
CA LEU A 591 29.70 -7.63 -4.77
C LEU A 591 31.20 -7.81 -4.54
N GLN A 592 31.95 -8.10 -5.60
CA GLN A 592 33.41 -8.19 -5.46
C GLN A 592 33.96 -6.91 -4.84
N GLN A 593 34.74 -7.05 -3.77
CA GLN A 593 35.34 -5.88 -3.13
C GLN A 593 36.25 -5.12 -4.09
N ASP A 594 36.88 -5.83 -5.03
CA ASP A 594 37.65 -5.12 -6.05
C ASP A 594 36.78 -4.11 -6.83
N LEU A 595 35.49 -4.41 -7.02
CA LEU A 595 34.60 -3.40 -7.64
C LEU A 595 34.41 -2.23 -6.69
N GLU A 596 34.17 -2.53 -5.42
CA GLU A 596 34.03 -1.49 -4.40
C GLU A 596 35.29 -0.64 -4.29
N LEU A 597 36.45 -1.31 -4.21
CA LEU A 597 37.74 -0.61 -4.28
C LEU A 597 37.78 0.30 -5.52
N CYS A 598 37.41 -0.24 -6.68
CA CYS A 598 37.46 0.54 -7.91
C CYS A 598 36.62 1.80 -7.83
N PHE A 599 35.48 1.74 -7.16
CA PHE A 599 34.56 2.89 -7.13
C PHE A 599 34.76 3.85 -5.98
N LYS A 600 35.27 3.36 -4.85
CA LYS A 600 35.64 4.21 -3.72
C LYS A 600 36.64 5.27 -4.18
N ASP A 601 37.30 4.98 -5.30
CA ASP A 601 38.29 5.87 -5.88
C ASP A 601 37.71 6.83 -6.89
N SER A 602 36.41 6.75 -7.13
CA SER A 602 35.78 7.61 -8.12
C SER A 602 36.10 9.08 -7.85
N SER A 603 36.31 9.83 -8.91
CA SER A 603 36.50 11.28 -8.77
C SER A 603 35.17 12.01 -8.55
N ASP A 604 34.06 11.27 -8.55
CA ASP A 604 32.75 11.91 -8.48
C ASP A 604 32.24 11.96 -7.04
N ASN A 605 31.85 13.16 -6.61
CA ASN A 605 31.41 13.40 -5.23
C ASN A 605 30.19 12.58 -4.79
N VAL A 606 29.32 12.26 -5.74
CA VAL A 606 28.17 11.42 -5.44
C VAL A 606 28.56 9.94 -5.47
N VAL A 607 29.23 9.49 -6.53
CA VAL A 607 29.68 8.10 -6.64
C VAL A 607 30.53 7.68 -5.44
N THR A 608 31.47 8.55 -5.04
CA THR A 608 32.31 8.31 -3.88
C THR A 608 31.50 8.16 -2.59
N LYS A 609 30.40 8.89 -2.49
CA LYS A 609 29.61 8.82 -1.27
C LYS A 609 28.86 7.50 -1.22
N LEU A 610 28.55 6.98 -2.40
CA LEU A 610 27.82 5.72 -2.52
C LEU A 610 28.66 4.54 -2.05
N PHE A 611 29.97 4.75 -1.99
CA PHE A 611 30.93 3.67 -1.76
C PHE A 611 31.80 3.87 -0.52
N ASN A 612 31.88 5.11 -0.04
CA ASN A 612 32.71 5.44 1.12
C ASN A 612 31.89 5.71 2.37
N ASP A 613 30.61 5.98 2.19
CA ASP A 613 29.71 6.21 3.32
C ASP A 613 29.22 4.90 3.91
N PRO A 614 29.63 4.61 5.15
CA PRO A 614 29.30 3.34 5.84
C PRO A 614 27.80 3.13 6.05
N ASN A 615 27.03 4.20 6.10
CA ASN A 615 25.57 4.08 6.24
C ASN A 615 24.87 3.78 4.92
N ILE A 616 25.64 3.76 3.84
CA ILE A 616 25.09 3.51 2.53
C ILE A 616 25.79 2.31 1.92
N ALA A 617 27.11 2.27 2.07
CA ALA A 617 27.94 1.26 1.43
C ALA A 617 28.28 0.09 2.34
N SER A 618 28.13 0.29 3.65
CA SER A 618 28.47 -0.76 4.60
C SER A 618 27.35 -1.76 4.74
N ARG A 619 27.71 -2.96 5.17
CA ARG A 619 26.73 -4.02 5.33
C ARG A 619 26.79 -4.55 6.76
N ALA A 620 25.64 -4.81 7.36
CA ALA A 620 25.62 -5.37 8.70
C ALA A 620 26.24 -6.76 8.66
N LYS A 621 27.03 -7.11 9.67
CA LYS A 621 27.70 -8.40 9.69
C LYS A 621 26.98 -9.34 10.64
N LYS A 622 26.44 -10.43 10.11
CA LYS A 622 25.67 -11.38 10.91
C LYS A 622 26.62 -12.48 11.35
N GLY A 623 27.49 -12.15 12.31
CA GLY A 623 28.53 -13.06 12.75
C GLY A 623 29.65 -13.14 11.74
N ALA A 624 29.88 -14.34 11.21
CA ALA A 624 30.96 -14.57 10.26
C ALA A 624 30.58 -14.11 8.85
N ASN A 625 29.29 -13.88 8.65
CA ASN A 625 28.80 -13.45 7.34
C ASN A 625 28.10 -12.08 7.35
N PHE A 626 27.94 -11.48 6.18
CA PHE A 626 27.07 -10.32 6.08
C PHE A 626 25.62 -10.76 6.29
N ILE A 627 24.82 -9.87 6.86
CA ILE A 627 23.40 -10.15 7.05
C ILE A 627 22.79 -10.40 5.67
N THR A 628 21.94 -11.42 5.55
CA THR A 628 21.30 -11.69 4.28
C THR A 628 20.19 -10.70 4.02
N VAL A 629 19.80 -10.60 2.76
CA VAL A 629 18.68 -9.76 2.37
C VAL A 629 17.41 -10.21 3.07
N ALA A 630 17.16 -11.52 3.08
CA ALA A 630 16.03 -12.09 3.81
C ALA A 630 15.96 -11.61 5.27
N ALA A 631 17.08 -11.72 5.98
CA ALA A 631 17.13 -11.36 7.40
C ALA A 631 16.96 -9.86 7.58
N GLN A 632 17.62 -9.10 6.74
CA GLN A 632 17.58 -7.66 6.84
C GLN A 632 16.13 -7.18 6.63
N TYR A 633 15.50 -7.68 5.57
CA TYR A 633 14.14 -7.27 5.28
C TYR A 633 13.12 -7.75 6.32
N LYS A 634 13.26 -8.99 6.79
CA LYS A 634 12.40 -9.45 7.88
C LYS A 634 12.50 -8.48 9.04
N GLU A 635 13.69 -7.94 9.24
CA GLU A 635 13.97 -7.02 10.33
C GLU A 635 13.40 -5.61 10.09
N GLN A 636 13.57 -5.08 8.88
CA GLN A 636 12.92 -3.82 8.56
C GLN A 636 11.40 -3.97 8.73
N LEU A 637 10.83 -4.96 8.07
CA LEU A 637 9.41 -5.16 8.18
C LEU A 637 8.90 -5.24 9.64
N ALA A 638 9.47 -6.10 10.46
CA ALA A 638 9.04 -6.21 11.87
C ALA A 638 9.03 -4.85 12.56
N SER A 639 10.03 -4.04 12.22
CA SER A 639 10.17 -2.74 12.81
C SER A 639 9.00 -1.85 12.36
N LEU A 640 8.75 -1.80 11.05
CA LEU A 640 7.60 -1.08 10.52
C LEU A 640 6.33 -1.49 11.25
N MET A 641 6.06 -2.78 11.28
CA MET A 641 4.86 -3.30 11.91
C MET A 641 4.79 -2.94 13.39
N ALA A 642 5.96 -2.91 14.04
CA ALA A 642 6.01 -2.52 15.44
C ALA A 642 5.67 -1.04 15.57
N THR A 643 6.11 -0.23 14.62
CA THR A 643 5.74 1.18 14.59
C THR A 643 4.24 1.33 14.35
N LEU A 644 3.70 0.46 13.50
CA LEU A 644 2.30 0.54 13.15
C LEU A 644 1.41 0.22 14.36
N GLU A 645 1.81 -0.77 15.17
CA GLU A 645 1.01 -1.17 16.31
C GLU A 645 0.86 -0.01 17.29
N THR A 646 1.84 0.89 17.29
CA THR A 646 1.77 2.08 18.14
C THR A 646 0.87 3.18 17.58
N THR A 647 0.46 3.08 16.32
CA THR A 647 -0.41 4.11 15.77
C THR A 647 -1.85 3.67 15.83
N ASN A 648 -2.74 4.64 15.62
CA ASN A 648 -4.13 4.34 15.40
C ASN A 648 -4.29 4.23 13.89
N PRO A 649 -4.53 2.99 13.40
CA PRO A 649 -4.59 2.64 11.97
C PRO A 649 -5.93 2.99 11.32
N HIS A 650 -5.87 3.60 10.14
CA HIS A 650 -7.03 3.74 9.29
C HIS A 650 -6.78 3.00 7.98
N PHE A 651 -7.73 2.17 7.58
CA PHE A 651 -7.55 1.34 6.42
C PHE A 651 -8.30 1.80 5.20
N VAL A 652 -7.57 1.93 4.11
CA VAL A 652 -8.12 2.12 2.78
C VAL A 652 -7.87 0.83 2.00
N ARG A 653 -8.92 0.16 1.53
CA ARG A 653 -8.72 -1.03 0.70
C ARG A 653 -8.89 -0.65 -0.77
N CYS A 654 -7.79 -0.53 -1.49
CA CYS A 654 -7.87 -0.29 -2.92
C CYS A 654 -8.20 -1.57 -3.66
N ILE A 655 -8.98 -1.45 -4.71
CA ILE A 655 -9.49 -2.59 -5.44
C ILE A 655 -9.34 -2.35 -6.94
N ILE A 656 -8.65 -3.27 -7.61
CA ILE A 656 -8.50 -3.21 -9.05
C ILE A 656 -9.78 -3.77 -9.71
N PRO A 657 -10.35 -3.02 -10.69
CA PRO A 657 -11.61 -3.39 -11.34
C PRO A 657 -11.45 -4.55 -12.28
N ASN A 658 -10.27 -4.66 -12.89
CA ASN A 658 -9.97 -5.69 -13.86
C ASN A 658 -8.45 -5.86 -13.98
N ASN A 659 -8.01 -6.67 -14.94
CA ASN A 659 -6.57 -6.89 -15.14
C ASN A 659 -6.08 -6.30 -16.44
N LYS A 660 -6.78 -5.29 -16.93
CA LYS A 660 -6.48 -4.74 -18.24
C LYS A 660 -6.18 -3.24 -18.16
N GLN A 661 -6.22 -2.70 -16.94
CA GLN A 661 -5.97 -1.28 -16.76
C GLN A 661 -6.92 -0.43 -17.62
N LEU A 662 -8.18 -0.87 -17.66
CA LEU A 662 -9.24 -0.15 -18.37
C LEU A 662 -10.27 0.46 -17.43
N PRO A 663 -10.74 1.68 -17.78
CA PRO A 663 -11.81 2.35 -17.05
C PRO A 663 -13.10 1.69 -17.43
N ALA A 664 -14.16 1.86 -16.64
CA ALA A 664 -15.49 1.42 -17.06
C ALA A 664 -15.57 -0.07 -17.42
N LYS A 665 -14.86 -0.91 -16.67
CA LYS A 665 -14.96 -2.34 -16.86
C LYS A 665 -14.72 -3.05 -15.54
N LEU A 666 -15.80 -3.22 -14.80
CA LEU A 666 -15.72 -3.78 -13.47
C LEU A 666 -15.95 -5.25 -13.61
N GLU A 667 -14.87 -6.03 -13.51
CA GLU A 667 -14.97 -7.48 -13.67
C GLU A 667 -15.24 -8.14 -12.33
N ASP A 668 -16.39 -8.80 -12.26
CA ASP A 668 -16.93 -9.24 -10.98
C ASP A 668 -16.03 -10.26 -10.26
N LYS A 669 -15.52 -11.23 -11.02
CA LYS A 669 -14.64 -12.26 -10.49
C LYS A 669 -13.37 -11.62 -9.92
N VAL A 670 -12.82 -10.65 -10.64
CA VAL A 670 -11.64 -9.90 -10.19
C VAL A 670 -11.87 -9.13 -8.89
N VAL A 671 -13.00 -8.43 -8.83
CA VAL A 671 -13.34 -7.59 -7.70
C VAL A 671 -13.71 -8.44 -6.48
N LEU A 672 -14.51 -9.47 -6.71
CA LEU A 672 -14.95 -10.33 -5.63
C LEU A 672 -13.79 -11.10 -4.99
N ASP A 673 -12.84 -11.59 -5.80
CA ASP A 673 -11.65 -12.21 -5.26
C ASP A 673 -11.04 -11.28 -4.21
N GLN A 674 -10.89 -10.02 -4.57
CA GLN A 674 -10.26 -9.04 -3.70
C GLN A 674 -11.11 -8.76 -2.47
N LEU A 675 -12.42 -8.72 -2.68
CA LEU A 675 -13.38 -8.43 -1.62
C LEU A 675 -13.35 -9.56 -0.59
N ARG A 676 -13.33 -10.80 -1.06
CA ARG A 676 -13.15 -11.95 -0.19
C ARG A 676 -11.82 -11.92 0.56
N CYS A 677 -10.72 -11.90 -0.18
CA CYS A 677 -9.42 -12.07 0.50
C CYS A 677 -9.04 -10.84 1.33
N ASN A 678 -9.64 -9.69 1.02
CA ASN A 678 -9.43 -8.53 1.90
C ASN A 678 -10.19 -8.64 3.23
N GLY A 679 -11.15 -9.56 3.31
CA GLY A 679 -12.07 -9.59 4.43
C GLY A 679 -12.97 -8.34 4.53
N VAL A 680 -13.47 -7.86 3.39
CA VAL A 680 -14.29 -6.65 3.37
C VAL A 680 -15.64 -6.90 4.03
N LEU A 681 -16.31 -7.98 3.64
CA LEU A 681 -17.60 -8.31 4.25
C LEU A 681 -17.47 -8.58 5.74
N GLU A 682 -16.39 -9.28 6.12
CA GLU A 682 -16.16 -9.63 7.52
C GLU A 682 -15.92 -8.36 8.32
N GLY A 683 -15.23 -7.41 7.71
CA GLY A 683 -15.00 -6.12 8.36
C GLY A 683 -16.31 -5.35 8.56
N ILE A 684 -17.22 -5.46 7.61
CA ILE A 684 -18.51 -4.81 7.74
C ILE A 684 -19.31 -5.54 8.80
N ARG A 685 -19.29 -6.86 8.72
CA ARG A 685 -19.96 -7.71 9.70
C ARG A 685 -19.51 -7.44 11.14
N ILE A 686 -18.23 -7.25 11.41
CA ILE A 686 -17.77 -6.95 12.77
C ILE A 686 -18.26 -5.58 13.22
N THR A 687 -18.41 -4.66 12.29
CA THR A 687 -18.80 -3.31 12.66
C THR A 687 -20.31 -3.23 12.92
N ARG A 688 -21.05 -4.14 12.29
CA ARG A 688 -22.49 -4.26 12.49
C ARG A 688 -22.84 -5.03 13.77
N LYS A 689 -22.24 -6.21 13.93
CA LYS A 689 -22.55 -7.10 15.03
C LYS A 689 -21.95 -6.60 16.34
N GLY A 690 -21.07 -5.62 16.25
CA GLY A 690 -20.28 -5.23 17.39
C GLY A 690 -20.50 -3.83 17.92
N PHE A 691 -19.57 -3.41 18.77
CA PHE A 691 -19.66 -2.16 19.48
C PHE A 691 -18.36 -1.41 19.27
N PRO A 692 -18.29 -0.63 18.18
CA PRO A 692 -17.06 0.07 17.79
C PRO A 692 -16.63 1.12 18.82
N ASN A 693 -17.53 2.07 19.11
CA ASN A 693 -17.21 3.19 19.99
C ASN A 693 -17.51 2.93 21.47
N ARG A 694 -16.48 2.97 22.31
CA ARG A 694 -16.64 2.74 23.75
C ARG A 694 -15.75 3.64 24.61
N ILE A 695 -16.39 4.45 25.46
CA ILE A 695 -15.68 5.38 26.34
C ILE A 695 -15.64 4.89 27.79
N ILE A 696 -14.52 5.15 28.47
CA ILE A 696 -14.37 4.74 29.87
C ILE A 696 -15.45 5.40 30.72
N TYR A 697 -15.89 4.69 31.77
CA TYR A 697 -16.99 5.13 32.61
C TYR A 697 -16.80 6.55 33.14
N ALA A 698 -15.64 6.78 33.76
CA ALA A 698 -15.28 8.10 34.25
C ALA A 698 -15.54 9.17 33.18
N ASP A 699 -14.73 9.15 32.13
CA ASP A 699 -14.76 10.19 31.10
C ASP A 699 -16.09 10.26 30.36
N PHE A 700 -17.03 9.37 30.69
CA PHE A 700 -18.33 9.37 30.04
C PHE A 700 -19.08 10.68 30.29
N VAL A 701 -18.54 11.50 31.18
CA VAL A 701 -19.12 12.80 31.51
C VAL A 701 -18.71 13.85 30.49
N LYS A 702 -18.48 13.40 29.26
CA LYS A 702 -17.92 14.26 28.23
C LYS A 702 -18.70 15.10 27.20
N ARG A 703 -19.72 14.50 26.61
CA ARG A 703 -20.55 15.20 25.64
C ARG A 703 -21.89 15.18 26.36
N TYR A 704 -21.94 14.44 27.46
CA TYR A 704 -23.18 14.25 28.21
C TYR A 704 -23.23 15.14 29.45
N TYR A 705 -24.17 16.09 29.45
CA TYR A 705 -24.33 17.03 30.56
C TYR A 705 -25.86 16.94 30.68
N LEU A 706 -26.48 17.98 31.23
CA LEU A 706 -27.84 17.94 31.76
C LEU A 706 -28.88 17.75 30.67
N LEU A 707 -28.84 16.59 30.01
CA LEU A 707 -29.86 16.23 29.03
C LEU A 707 -30.69 15.10 29.62
N ALA A 708 -30.92 15.20 30.92
CA ALA A 708 -31.61 14.19 31.70
C ALA A 708 -31.67 14.73 33.12
N PRO A 709 -32.26 13.97 34.06
CA PRO A 709 -32.24 14.43 35.45
C PRO A 709 -30.96 15.20 35.76
N ASN A 710 -31.11 16.41 36.29
CA ASN A 710 -29.97 17.30 36.54
C ASN A 710 -28.71 16.57 36.95
N VAL A 711 -27.69 16.64 36.10
CA VAL A 711 -26.40 16.05 36.39
C VAL A 711 -25.30 16.60 35.48
N PRO A 712 -24.61 17.64 35.96
CA PRO A 712 -23.46 18.25 35.27
C PRO A 712 -22.29 17.27 35.27
N ARG A 713 -21.13 17.74 34.81
CA ARG A 713 -19.94 16.91 34.74
C ARG A 713 -19.54 16.18 36.02
N ASP A 714 -20.30 16.40 37.09
CA ASP A 714 -20.01 15.77 38.36
C ASP A 714 -20.92 14.58 38.66
N ALA A 715 -20.41 13.65 39.47
CA ALA A 715 -21.17 12.50 39.95
C ALA A 715 -20.18 11.75 40.84
N GLU A 716 -20.68 11.08 41.86
CA GLU A 716 -19.81 10.38 42.80
C GLU A 716 -19.79 8.91 42.38
N ASP A 717 -20.82 8.48 41.65
CA ASP A 717 -20.86 7.11 41.16
C ASP A 717 -20.69 7.10 39.65
N SER A 718 -19.96 6.10 39.15
CA SER A 718 -19.61 6.05 37.74
C SER A 718 -20.52 5.15 36.92
N GLN A 719 -20.87 3.99 37.48
CA GLN A 719 -21.74 3.05 36.76
C GLN A 719 -23.20 3.47 36.88
N LYS A 720 -23.49 4.36 37.82
CA LYS A 720 -24.84 4.89 37.97
C LYS A 720 -25.08 6.05 37.01
N ALA A 721 -24.20 7.05 37.08
CA ALA A 721 -24.34 8.29 36.31
C ALA A 721 -24.45 8.01 34.82
N THR A 722 -23.97 6.84 34.43
CA THR A 722 -23.94 6.46 33.02
C THR A 722 -25.34 6.29 32.41
N ASP A 723 -26.14 5.37 32.96
CA ASP A 723 -27.48 5.08 32.47
C ASP A 723 -28.42 6.29 32.55
N ALA A 724 -27.91 7.39 33.07
CA ALA A 724 -28.71 8.59 33.29
C ALA A 724 -29.19 9.44 32.12
N VAL A 725 -28.26 9.86 31.28
CA VAL A 725 -28.56 10.81 30.20
C VAL A 725 -29.19 9.99 29.06
N LEU A 726 -28.92 8.69 29.06
CA LEU A 726 -29.42 7.81 28.01
C LEU A 726 -30.93 7.62 28.07
N LYS A 727 -31.42 7.21 29.23
CA LYS A 727 -32.83 6.86 29.41
C LYS A 727 -33.81 8.01 29.17
N HIS A 728 -33.30 9.24 29.10
CA HIS A 728 -34.16 10.41 28.92
C HIS A 728 -35.00 10.30 27.63
N LEU A 729 -34.31 10.10 26.50
CA LEU A 729 -34.97 9.88 25.21
C LEU A 729 -35.35 8.41 25.08
N ASN A 730 -35.07 7.64 26.12
CA ASN A 730 -35.27 6.20 26.12
C ASN A 730 -34.61 5.53 24.91
N ILE A 731 -33.31 5.80 24.73
CA ILE A 731 -32.56 5.22 23.62
C ILE A 731 -32.32 3.73 23.84
N ASP A 732 -32.67 2.94 22.83
CA ASP A 732 -32.66 1.48 22.90
C ASP A 732 -31.53 0.93 23.79
N PRO A 733 -31.90 0.07 24.76
CA PRO A 733 -30.97 -0.53 25.73
C PRO A 733 -30.01 -1.54 25.11
N GLU A 734 -30.53 -2.40 24.24
CA GLU A 734 -29.71 -3.41 23.58
C GLU A 734 -28.95 -2.80 22.40
N GLN A 735 -29.06 -1.48 22.28
CA GLN A 735 -28.37 -0.73 21.25
C GLN A 735 -27.05 -0.19 21.80
N TYR A 736 -26.79 -0.49 23.06
CA TYR A 736 -25.50 -0.21 23.70
C TYR A 736 -25.23 -1.31 24.72
N ARG A 737 -24.18 -1.16 25.52
CA ARG A 737 -23.85 -2.20 26.48
C ARG A 737 -22.81 -1.78 27.52
N PHE A 738 -23.05 -2.20 28.77
CA PHE A 738 -22.20 -1.83 29.90
C PHE A 738 -21.14 -2.89 30.18
N GLY A 739 -19.88 -2.50 30.07
CA GLY A 739 -18.77 -3.39 30.34
C GLY A 739 -18.01 -2.95 31.57
N ILE A 740 -17.04 -3.77 31.99
CA ILE A 740 -16.29 -3.53 33.21
C ILE A 740 -15.86 -2.08 33.46
N THR A 741 -15.20 -1.45 32.48
CA THR A 741 -14.77 -0.07 32.68
C THR A 741 -15.18 0.86 31.54
N LYS A 742 -15.96 0.36 30.58
CA LYS A 742 -16.38 1.18 29.45
C LYS A 742 -17.87 1.01 29.13
N ILE A 743 -18.38 1.90 28.27
CA ILE A 743 -19.75 1.81 27.78
C ILE A 743 -19.79 1.79 26.24
N PHE A 744 -20.11 0.62 25.70
CA PHE A 744 -20.05 0.41 24.26
C PHE A 744 -21.34 0.82 23.54
N PHE A 745 -21.19 1.35 22.33
CA PHE A 745 -22.34 1.72 21.51
C PHE A 745 -22.40 0.91 20.22
N ARG A 746 -23.54 0.27 20.00
CA ARG A 746 -23.73 -0.60 18.84
C ARG A 746 -23.81 0.20 17.55
N ALA A 747 -22.94 -0.14 16.60
CA ALA A 747 -22.91 0.56 15.32
C ALA A 747 -23.07 2.07 15.49
N GLY A 748 -22.20 2.66 16.32
CA GLY A 748 -22.14 4.10 16.49
C GLY A 748 -23.27 4.97 17.02
N GLN A 749 -23.86 4.58 18.13
CA GLN A 749 -24.91 5.38 18.76
C GLN A 749 -24.63 6.87 18.93
N LEU A 750 -23.36 7.22 19.07
CA LEU A 750 -22.95 8.61 19.20
C LEU A 750 -23.43 9.43 18.00
N ALA A 751 -23.71 8.72 16.90
CA ALA A 751 -24.21 9.36 15.69
C ALA A 751 -25.64 8.92 15.37
N ARG A 752 -25.89 7.62 15.38
CA ARG A 752 -27.21 7.06 15.03
C ARG A 752 -28.37 7.72 15.79
N ILE A 753 -28.40 7.53 17.11
CA ILE A 753 -29.49 8.08 17.93
C ILE A 753 -29.19 9.48 18.45
N GLU A 754 -27.92 9.77 18.68
CA GLU A 754 -27.51 11.07 19.24
C GLU A 754 -27.50 12.17 18.18
N GLU A 755 -28.69 12.62 17.77
CA GLU A 755 -28.82 13.70 16.79
C GLU A 755 -29.72 14.83 17.29
N ALA A 756 -30.35 14.60 18.44
CA ALA A 756 -31.10 15.65 19.12
C ALA A 756 -30.25 16.20 20.27
N ARG A 757 -29.63 15.27 21.00
CA ARG A 757 -28.72 15.62 22.11
C ARG A 757 -27.53 16.45 21.64
N GLU A 758 -26.69 15.85 20.80
CA GLU A 758 -25.54 16.55 20.22
C GLU A 758 -25.90 16.98 18.79
N GLN A 759 -25.03 17.77 18.17
CA GLN A 759 -25.24 18.20 16.78
C GLN A 759 -26.50 19.03 16.58
N ARG A 760 -26.97 19.66 17.64
CA ARG A 760 -28.21 20.44 17.57
C ARG A 760 -27.96 21.93 17.33
N LEU A 761 -29.03 22.65 16.96
CA LEU A 761 -28.96 24.11 16.86
C LEU A 761 -29.58 24.74 18.12
N GLU A 762 -30.32 23.92 18.87
CA GLU A 762 -30.90 24.34 20.15
C GLU A 762 -30.07 23.68 21.24
N SER A 763 -30.57 23.67 22.47
CA SER A 763 -30.00 22.88 23.56
C SER A 763 -28.78 23.53 24.23
N ASN A 764 -28.40 24.72 23.77
CA ASN A 764 -27.23 25.40 24.32
C ASN A 764 -27.57 26.78 24.87
N GLU A 765 -27.87 27.71 23.97
CA GLU A 765 -28.26 29.06 24.34
C GLU A 765 -29.78 29.28 24.23
N PRO A 766 -30.45 28.56 23.31
CA PRO A 766 -31.92 28.66 23.20
C PRO A 766 -32.71 28.16 24.42
N PRO A 767 -32.35 26.99 25.00
CA PRO A 767 -33.04 26.53 26.21
C PRO A 767 -32.46 27.09 27.52
N MET A 768 -32.07 28.37 27.51
CA MET A 768 -31.59 29.04 28.72
C MET A 768 -31.95 30.53 28.80
N ASP A 769 -32.31 31.12 27.66
CA ASP A 769 -32.27 32.55 27.38
C ASP A 769 -33.66 33.22 27.38
N PHE A 770 -34.71 32.41 27.56
CA PHE A 770 -36.09 32.91 27.56
C PHE A 770 -36.29 34.12 28.48
N ASP A 771 -35.73 34.05 29.69
CA ASP A 771 -35.81 35.14 30.65
C ASP A 771 -34.41 35.60 31.10
N ASP A 772 -33.71 36.28 30.20
CA ASP A 772 -32.35 36.74 30.48
C ASP A 772 -32.23 37.90 31.48
N ASP A 773 -32.65 39.09 31.05
CA ASP A 773 -32.55 40.29 31.87
C ASP A 773 -33.90 41.00 31.94
N ILE A 774 -34.97 40.28 31.58
CA ILE A 774 -36.32 40.83 31.59
C ILE A 774 -37.33 40.19 32.58
N PRO A 775 -36.90 39.20 33.39
CA PRO A 775 -37.83 38.68 34.40
C PRO A 775 -38.21 39.72 35.46
N PHE A 776 -39.51 39.98 35.61
CA PHE A 776 -40.00 40.98 36.56
C PHE A 776 -40.20 40.39 37.95
#